data_1AJF
# 
_entry.id   1AJF 
# 
_audit_conform.dict_name       mmcif_pdbx.dic 
_audit_conform.dict_version    5.392 
_audit_conform.dict_location   http://mmcif.pdb.org/dictionaries/ascii/mmcif_pdbx.dic 
# 
loop_
_database_2.database_id 
_database_2.database_code 
_database_2.pdbx_database_accession 
_database_2.pdbx_DOI 
PDB   1AJF         pdb_00001ajf 10.2210/pdb1ajf/pdb 
WWPDB D_1000170890 ?            ?                   
# 
loop_
_pdbx_audit_revision_history.ordinal 
_pdbx_audit_revision_history.data_content_type 
_pdbx_audit_revision_history.major_revision 
_pdbx_audit_revision_history.minor_revision 
_pdbx_audit_revision_history.revision_date 
1 'Structure model' 1 0 1997-07-07 
2 'Structure model' 1 1 2008-03-24 
3 'Structure model' 1 2 2011-07-13 
4 'Structure model' 1 3 2021-10-27 
5 'Structure model' 1 4 2024-05-22 
# 
_pdbx_audit_revision_details.ordinal             1 
_pdbx_audit_revision_details.revision_ordinal    1 
_pdbx_audit_revision_details.data_content_type   'Structure model' 
_pdbx_audit_revision_details.provider            repository 
_pdbx_audit_revision_details.type                'Initial release' 
_pdbx_audit_revision_details.description         ? 
_pdbx_audit_revision_details.details             ? 
# 
loop_
_pdbx_audit_revision_group.ordinal 
_pdbx_audit_revision_group.revision_ordinal 
_pdbx_audit_revision_group.data_content_type 
_pdbx_audit_revision_group.group 
1 2 'Structure model' 'Version format compliance' 
2 3 'Structure model' 'Version format compliance' 
3 4 'Structure model' 'Data collection'           
4 4 'Structure model' 'Database references'       
5 4 'Structure model' 'Derived calculations'      
6 4 'Structure model' Other                       
7 4 'Structure model' 'Source and taxonomy'       
8 5 'Structure model' 'Data collection'           
# 
loop_
_pdbx_audit_revision_category.ordinal 
_pdbx_audit_revision_category.revision_ordinal 
_pdbx_audit_revision_category.data_content_type 
_pdbx_audit_revision_category.category 
1  4 'Structure model' database_2              
2  4 'Structure model' pdbx_database_status    
3  4 'Structure model' pdbx_entity_src_syn     
4  4 'Structure model' pdbx_nmr_representative 
5  4 'Structure model' pdbx_nmr_software       
6  4 'Structure model' pdbx_nmr_spectrometer   
7  4 'Structure model' pdbx_struct_assembly    
8  4 'Structure model' pdbx_struct_oper_list   
9  4 'Structure model' struct_conn             
10 4 'Structure model' struct_site             
11 5 'Structure model' chem_comp_atom          
12 5 'Structure model' chem_comp_bond          
# 
loop_
_pdbx_audit_revision_item.ordinal 
_pdbx_audit_revision_item.revision_ordinal 
_pdbx_audit_revision_item.data_content_type 
_pdbx_audit_revision_item.item 
1  4 'Structure model' '_database_2.pdbx_DOI'                     
2  4 'Structure model' '_database_2.pdbx_database_accession'      
3  4 'Structure model' '_pdbx_database_status.process_site'       
4  4 'Structure model' '_pdbx_entity_src_syn.ncbi_taxonomy_id'    
5  4 'Structure model' '_pdbx_entity_src_syn.organism_scientific' 
6  4 'Structure model' '_pdbx_nmr_software.authors'               
7  4 'Structure model' '_pdbx_nmr_software.classification'        
8  4 'Structure model' '_pdbx_nmr_software.name'                  
9  4 'Structure model' '_pdbx_nmr_software.version'               
10 4 'Structure model' '_pdbx_nmr_spectrometer.manufacturer'      
11 4 'Structure model' '_pdbx_nmr_spectrometer.model'             
12 4 'Structure model' '_struct_conn.ptnr1_auth_comp_id'          
13 4 'Structure model' '_struct_conn.ptnr1_auth_seq_id'           
14 4 'Structure model' '_struct_conn.ptnr1_label_asym_id'         
15 4 'Structure model' '_struct_conn.ptnr1_label_atom_id'         
16 4 'Structure model' '_struct_conn.ptnr1_label_comp_id'         
17 4 'Structure model' '_struct_conn.ptnr1_label_seq_id'          
18 4 'Structure model' '_struct_conn.ptnr2_auth_comp_id'          
19 4 'Structure model' '_struct_conn.ptnr2_auth_seq_id'           
20 4 'Structure model' '_struct_conn.ptnr2_label_asym_id'         
21 4 'Structure model' '_struct_conn.ptnr2_label_atom_id'         
22 4 'Structure model' '_struct_conn.ptnr2_label_comp_id'         
23 4 'Structure model' '_struct_conn.ptnr2_label_seq_id'          
24 4 'Structure model' '_struct_site.pdbx_auth_asym_id'           
25 4 'Structure model' '_struct_site.pdbx_auth_comp_id'           
26 4 'Structure model' '_struct_site.pdbx_auth_seq_id'            
# 
_pdbx_database_status.status_code                     REL 
_pdbx_database_status.entry_id                        1AJF 
_pdbx_database_status.recvd_initial_deposition_date   1997-05-02 
_pdbx_database_status.deposit_site                    ? 
_pdbx_database_status.process_site                    BNL 
_pdbx_database_status.status_code_sf                  ? 
_pdbx_database_status.status_code_mr                  REL 
_pdbx_database_status.SG_entry                        ? 
_pdbx_database_status.pdb_format_compatible           Y 
_pdbx_database_status.status_code_cs                  ? 
_pdbx_database_status.status_code_nmr_data            ? 
_pdbx_database_status.methods_development_category    ? 
# 
loop_
_audit_author.name 
_audit_author.pdbx_ordinal 
'Kieft, J.S.'       1 
'Tinoco Junior, I.' 2 
# 
_citation.id                        primary 
_citation.title                     
'Solution structure of a metal-binding site in the major groove of RNA complexed with cobalt (III) hexammine.' 
_citation.journal_abbrev            Structure 
_citation.journal_volume            5 
_citation.page_first                713 
_citation.page_last                 721 
_citation.year                      1997 
_citation.journal_id_ASTM           STRUE6 
_citation.country                   UK 
_citation.journal_id_ISSN           0969-2126 
_citation.journal_id_CSD            2005 
_citation.book_publisher            ? 
_citation.pdbx_database_id_PubMed   9195889 
_citation.pdbx_database_id_DOI      '10.1016/S0969-2126(97)00225-6' 
# 
loop_
_citation_author.citation_id 
_citation_author.name 
_citation_author.ordinal 
_citation_author.identifier_ORCID 
primary 'Kieft, J.S.'    1 ? 
primary 'Tinoco Jr., I.' 2 ? 
# 
loop_
_entity.id 
_entity.type 
_entity.src_method 
_entity.pdbx_description 
_entity.formula_weight 
_entity.pdbx_number_of_molecules 
_entity.pdbx_ec 
_entity.pdbx_mutation 
_entity.pdbx_fragment 
_entity.details 
1 polymer     syn 
;RNA (5'-R(*GP*AP*CP*AP*GP*GP*GP*GP*AP*AP*AP*CP*UP*UP*UP*GP*UP*C)-3')
;
5812.515 1 ? 'C1G, U2A' 'TETRALOOP OF TETRALOOP-TETRALOOP RECEPTOR TERTIARY INTERACTION' ? 
2 non-polymer syn 'COBALT HEXAMMINE(III)'                                                161.116  1 ? ?          ? ? 
# 
_entity_name_com.entity_id   1 
_entity_name_com.name        'GAAA TETRALOOP OF A GROUP I INTRON' 
# 
_entity_poly.entity_id                      1 
_entity_poly.type                           polyribonucleotide 
_entity_poly.nstd_linkage                   no 
_entity_poly.nstd_monomer                   no 
_entity_poly.pdbx_seq_one_letter_code       GACAGGGGAAACUUUGUC 
_entity_poly.pdbx_seq_one_letter_code_can   GACAGGGGAAACUUUGUC 
_entity_poly.pdbx_strand_id                 A 
_entity_poly.pdbx_target_identifier         ? 
# 
_pdbx_entity_nonpoly.entity_id   2 
_pdbx_entity_nonpoly.name        'COBALT HEXAMMINE(III)' 
_pdbx_entity_nonpoly.comp_id     NCO 
# 
loop_
_entity_poly_seq.entity_id 
_entity_poly_seq.num 
_entity_poly_seq.mon_id 
_entity_poly_seq.hetero 
1 1  G n 
1 2  A n 
1 3  C n 
1 4  A n 
1 5  G n 
1 6  G n 
1 7  G n 
1 8  G n 
1 9  A n 
1 10 A n 
1 11 A n 
1 12 C n 
1 13 U n 
1 14 U n 
1 15 U n 
1 16 G n 
1 17 U n 
1 18 C n 
# 
_pdbx_entity_src_syn.entity_id              1 
_pdbx_entity_src_syn.pdbx_src_id            1 
_pdbx_entity_src_syn.pdbx_alt_source_flag   sample 
_pdbx_entity_src_syn.pdbx_beg_seq_num       ? 
_pdbx_entity_src_syn.pdbx_end_seq_num       ? 
_pdbx_entity_src_syn.organism_scientific    'synthetic construct' 
_pdbx_entity_src_syn.organism_common_name   ? 
_pdbx_entity_src_syn.ncbi_taxonomy_id       32630 
_pdbx_entity_src_syn.details                'SYNTHESIZED ENZYMATICALLY IN-VITRO USING T7 RNA POLYMERASE' 
# 
loop_
_chem_comp.id 
_chem_comp.type 
_chem_comp.mon_nstd_flag 
_chem_comp.name 
_chem_comp.pdbx_synonyms 
_chem_comp.formula 
_chem_comp.formula_weight 
A   'RNA linking' y "ADENOSINE-5'-MONOPHOSPHATE" ? 'C10 H14 N5 O7 P' 347.221 
C   'RNA linking' y "CYTIDINE-5'-MONOPHOSPHATE"  ? 'C9 H14 N3 O8 P'  323.197 
G   'RNA linking' y "GUANOSINE-5'-MONOPHOSPHATE" ? 'C10 H14 N5 O8 P' 363.221 
NCO non-polymer   . 'COBALT HEXAMMINE(III)'      ? 'Co H18 N6 3'     161.116 
U   'RNA linking' y "URIDINE-5'-MONOPHOSPHATE"   ? 'C9 H13 N2 O9 P'  324.181 
# 
loop_
_pdbx_poly_seq_scheme.asym_id 
_pdbx_poly_seq_scheme.entity_id 
_pdbx_poly_seq_scheme.seq_id 
_pdbx_poly_seq_scheme.mon_id 
_pdbx_poly_seq_scheme.ndb_seq_num 
_pdbx_poly_seq_scheme.pdb_seq_num 
_pdbx_poly_seq_scheme.auth_seq_num 
_pdbx_poly_seq_scheme.pdb_mon_id 
_pdbx_poly_seq_scheme.auth_mon_id 
_pdbx_poly_seq_scheme.pdb_strand_id 
_pdbx_poly_seq_scheme.pdb_ins_code 
_pdbx_poly_seq_scheme.hetero 
A 1 1  G 1  1  1  G G A . n 
A 1 2  A 2  2  2  A A A . n 
A 1 3  C 3  3  3  C C A . n 
A 1 4  A 4  4  4  A A A . n 
A 1 5  G 5  5  5  G G A . n 
A 1 6  G 6  6  6  G G A . n 
A 1 7  G 7  7  7  G G A . n 
A 1 8  G 8  8  8  G G A . n 
A 1 9  A 9  9  9  A A A . n 
A 1 10 A 10 10 10 A A A . n 
A 1 11 A 11 11 11 A A A . n 
A 1 12 C 12 12 12 C C A . n 
A 1 13 U 13 13 13 U U A . n 
A 1 14 U 14 14 14 U U A . n 
A 1 15 U 15 15 15 U U A . n 
A 1 16 G 16 16 16 G G A . n 
A 1 17 U 17 17 17 U U A . n 
A 1 18 C 18 18 18 C C A . n 
# 
_pdbx_nonpoly_scheme.asym_id         B 
_pdbx_nonpoly_scheme.entity_id       2 
_pdbx_nonpoly_scheme.mon_id          NCO 
_pdbx_nonpoly_scheme.ndb_seq_num     1 
_pdbx_nonpoly_scheme.pdb_seq_num     19 
_pdbx_nonpoly_scheme.auth_seq_num    1 
_pdbx_nonpoly_scheme.pdb_mon_id      NCO 
_pdbx_nonpoly_scheme.auth_mon_id     NCO 
_pdbx_nonpoly_scheme.pdb_strand_id   A 
_pdbx_nonpoly_scheme.pdb_ins_code    . 
# 
loop_
_software.name 
_software.classification 
_software.version 
_software.citation_id 
_software.pdbx_ordinal 
X-PLOR 'model building' 3.1 ? 1 
X-PLOR refinement       3.1 ? 2 
X-PLOR phasing          3.1 ? 3 
# 
_cell.entry_id           1AJF 
_cell.length_a           1.000 
_cell.length_b           1.000 
_cell.length_c           1.000 
_cell.angle_alpha        90.00 
_cell.angle_beta         90.00 
_cell.angle_gamma        90.00 
_cell.Z_PDB              1 
_cell.pdbx_unique_axis   ? 
# 
_symmetry.entry_id                         1AJF 
_symmetry.space_group_name_H-M             'P 1' 
_symmetry.pdbx_full_space_group_name_H-M   ? 
_symmetry.cell_setting                     ? 
_symmetry.Int_Tables_number                1 
# 
_exptl.entry_id          1AJF 
_exptl.method            'SOLUTION NMR' 
_exptl.crystals_number   ? 
# 
_struct.entry_id                  1AJF 
_struct.title                     
;SOLUTION STRUCTURE OF THE P5B STEM LOOP FROM A GROUP I INTRON COMPLEXED WITH COBALT (III) HEXAMMINE, NMR, MINIMIZED AVERAGE STRUCTURE
;
_struct.pdbx_model_details        ? 
_struct.pdbx_CASP_flag            ? 
_struct.pdbx_model_type_details   ? 
# 
_struct_keywords.entry_id        1AJF 
_struct_keywords.pdbx_keywords   RNA 
_struct_keywords.text            'RIBONUCLEIC ACID, COBALT (III) HEXAMMINE, METAL BINDING, RNA STRUCTURE, RNA' 
# 
loop_
_struct_asym.id 
_struct_asym.pdbx_blank_PDB_chainid_flag 
_struct_asym.pdbx_modified 
_struct_asym.entity_id 
_struct_asym.details 
A N N 1 ? 
B N N 2 ? 
# 
_struct_ref.id                         1 
_struct_ref.entity_id                  1 
_struct_ref.db_name                    PDB 
_struct_ref.db_code                    1AJF 
_struct_ref.pdbx_db_accession          1AJF 
_struct_ref.pdbx_db_isoform            ? 
_struct_ref.pdbx_seq_one_letter_code   ? 
_struct_ref.pdbx_align_begin           ? 
# 
_struct_ref_seq.align_id                      1 
_struct_ref_seq.ref_id                        1 
_struct_ref_seq.pdbx_PDB_id_code              1AJF 
_struct_ref_seq.pdbx_strand_id                A 
_struct_ref_seq.seq_align_beg                 1 
_struct_ref_seq.pdbx_seq_align_beg_ins_code   ? 
_struct_ref_seq.seq_align_end                 18 
_struct_ref_seq.pdbx_seq_align_end_ins_code   ? 
_struct_ref_seq.pdbx_db_accession             1AJF 
_struct_ref_seq.db_align_beg                  1 
_struct_ref_seq.pdbx_db_align_beg_ins_code    ? 
_struct_ref_seq.db_align_end                  18 
_struct_ref_seq.pdbx_db_align_end_ins_code    ? 
_struct_ref_seq.pdbx_auth_seq_align_beg       1 
_struct_ref_seq.pdbx_auth_seq_align_end       18 
# 
_pdbx_struct_assembly.id                   1 
_pdbx_struct_assembly.details              author_defined_assembly 
_pdbx_struct_assembly.method_details       ? 
_pdbx_struct_assembly.oligomeric_details   monomeric 
_pdbx_struct_assembly.oligomeric_count     1 
# 
_pdbx_struct_assembly_gen.assembly_id       1 
_pdbx_struct_assembly_gen.oper_expression   1 
_pdbx_struct_assembly_gen.asym_id_list      A,B 
# 
_pdbx_struct_oper_list.id                   1 
_pdbx_struct_oper_list.type                 'identity operation' 
_pdbx_struct_oper_list.name                 1_555 
_pdbx_struct_oper_list.symmetry_operation   ? 
_pdbx_struct_oper_list.matrix[1][1]         1.0000000000 
_pdbx_struct_oper_list.matrix[1][2]         0.0000000000 
_pdbx_struct_oper_list.matrix[1][3]         0.0000000000 
_pdbx_struct_oper_list.vector[1]            0.0000000000 
_pdbx_struct_oper_list.matrix[2][1]         0.0000000000 
_pdbx_struct_oper_list.matrix[2][2]         1.0000000000 
_pdbx_struct_oper_list.matrix[2][3]         0.0000000000 
_pdbx_struct_oper_list.vector[2]            0.0000000000 
_pdbx_struct_oper_list.matrix[3][1]         0.0000000000 
_pdbx_struct_oper_list.matrix[3][2]         0.0000000000 
_pdbx_struct_oper_list.matrix[3][3]         1.0000000000 
_pdbx_struct_oper_list.vector[3]            0.0000000000 
# 
loop_
_struct_conn.id 
_struct_conn.conn_type_id 
_struct_conn.pdbx_leaving_atom_flag 
_struct_conn.pdbx_PDB_id 
_struct_conn.ptnr1_label_asym_id 
_struct_conn.ptnr1_label_comp_id 
_struct_conn.ptnr1_label_seq_id 
_struct_conn.ptnr1_label_atom_id 
_struct_conn.pdbx_ptnr1_label_alt_id 
_struct_conn.pdbx_ptnr1_PDB_ins_code 
_struct_conn.pdbx_ptnr1_standard_comp_id 
_struct_conn.ptnr1_symmetry 
_struct_conn.ptnr2_label_asym_id 
_struct_conn.ptnr2_label_comp_id 
_struct_conn.ptnr2_label_seq_id 
_struct_conn.ptnr2_label_atom_id 
_struct_conn.pdbx_ptnr2_label_alt_id 
_struct_conn.pdbx_ptnr2_PDB_ins_code 
_struct_conn.ptnr1_auth_asym_id 
_struct_conn.ptnr1_auth_comp_id 
_struct_conn.ptnr1_auth_seq_id 
_struct_conn.ptnr2_auth_asym_id 
_struct_conn.ptnr2_auth_comp_id 
_struct_conn.ptnr2_auth_seq_id 
_struct_conn.ptnr2_symmetry 
_struct_conn.pdbx_ptnr3_label_atom_id 
_struct_conn.pdbx_ptnr3_label_seq_id 
_struct_conn.pdbx_ptnr3_label_comp_id 
_struct_conn.pdbx_ptnr3_label_asym_id 
_struct_conn.pdbx_ptnr3_label_alt_id 
_struct_conn.pdbx_ptnr3_PDB_ins_code 
_struct_conn.details 
_struct_conn.pdbx_dist_value 
_struct_conn.pdbx_value_order 
_struct_conn.pdbx_role 
metalc1  metalc ? ? A G 6 N7 ? ? ? 1_555 B NCO .  CO ? ? A G 6 A NCO 19 1_555 ? ? ? ? ? ? ?             3.112 ? ? 
hydrog1  hydrog ? ? A G 1 N1 ? ? ? 1_555 A C   18 N3 ? ? A G 1 A C   18 1_555 ? ? ? ? ? ? WATSON-CRICK  ?     ? ? 
hydrog2  hydrog ? ? A G 1 N2 ? ? ? 1_555 A C   18 O2 ? ? A G 1 A C   18 1_555 ? ? ? ? ? ? WATSON-CRICK  ?     ? ? 
hydrog3  hydrog ? ? A G 1 O6 ? ? ? 1_555 A C   18 N4 ? ? A G 1 A C   18 1_555 ? ? ? ? ? ? WATSON-CRICK  ?     ? ? 
hydrog4  hydrog ? ? A A 2 N1 ? ? ? 1_555 A U   17 N3 ? ? A A 2 A U   17 1_555 ? ? ? ? ? ? WATSON-CRICK  ?     ? ? 
hydrog5  hydrog ? ? A A 2 N6 ? ? ? 1_555 A U   17 O4 ? ? A A 2 A U   17 1_555 ? ? ? ? ? ? WATSON-CRICK  ?     ? ? 
hydrog6  hydrog ? ? A C 3 N3 ? ? ? 1_555 A G   16 N1 ? ? A C 3 A G   16 1_555 ? ? ? ? ? ? WATSON-CRICK  ?     ? ? 
hydrog7  hydrog ? ? A C 3 N4 ? ? ? 1_555 A G   16 O6 ? ? A C 3 A G   16 1_555 ? ? ? ? ? ? WATSON-CRICK  ?     ? ? 
hydrog8  hydrog ? ? A C 3 O2 ? ? ? 1_555 A G   16 N2 ? ? A C 3 A G   16 1_555 ? ? ? ? ? ? WATSON-CRICK  ?     ? ? 
hydrog9  hydrog ? ? A A 4 N1 ? ? ? 1_555 A U   15 N3 ? ? A A 4 A U   15 1_555 ? ? ? ? ? ? WATSON-CRICK  ?     ? ? 
hydrog10 hydrog ? ? A A 4 N6 ? ? ? 1_555 A U   15 O4 ? ? A A 4 A U   15 1_555 ? ? ? ? ? ? WATSON-CRICK  ?     ? ? 
hydrog11 hydrog ? ? A G 5 N1 ? ? ? 1_555 A U   14 O2 ? ? A G 5 A U   14 1_555 ? ? ? ? ? ? TYPE_28_PAIR  ?     ? ? 
hydrog12 hydrog ? ? A G 5 O6 ? ? ? 1_555 A U   14 N3 ? ? A G 5 A U   14 1_555 ? ? ? ? ? ? TYPE_28_PAIR  ?     ? ? 
hydrog13 hydrog ? ? A G 6 N1 ? ? ? 1_555 A U   13 O2 ? ? A G 6 A U   13 1_555 ? ? ? ? ? ? TYPE_28_PAIR  ?     ? ? 
hydrog14 hydrog ? ? A G 6 O6 ? ? ? 1_555 A U   13 N3 ? ? A G 6 A U   13 1_555 ? ? ? ? ? ? TYPE_28_PAIR  ?     ? ? 
hydrog15 hydrog ? ? A G 7 N1 ? ? ? 1_555 A C   12 N3 ? ? A G 7 A C   12 1_555 ? ? ? ? ? ? WATSON-CRICK  ?     ? ? 
hydrog16 hydrog ? ? A G 7 N2 ? ? ? 1_555 A C   12 O2 ? ? A G 7 A C   12 1_555 ? ? ? ? ? ? WATSON-CRICK  ?     ? ? 
hydrog17 hydrog ? ? A G 7 O6 ? ? ? 1_555 A C   12 N4 ? ? A G 7 A C   12 1_555 ? ? ? ? ? ? WATSON-CRICK  ?     ? ? 
hydrog18 hydrog ? ? A G 8 N2 ? ? ? 1_555 A A   11 N7 ? ? A G 8 A A   11 1_555 ? ? ? ? ? ? 'G-A MISPAIR' ?     ? ? 
# 
loop_
_struct_conn_type.id 
_struct_conn_type.criteria 
_struct_conn_type.reference 
metalc ? ? 
hydrog ? ? 
# 
loop_
_pdbx_struct_conn_angle.id 
_pdbx_struct_conn_angle.ptnr1_label_atom_id 
_pdbx_struct_conn_angle.ptnr1_label_alt_id 
_pdbx_struct_conn_angle.ptnr1_label_asym_id 
_pdbx_struct_conn_angle.ptnr1_label_comp_id 
_pdbx_struct_conn_angle.ptnr1_label_seq_id 
_pdbx_struct_conn_angle.ptnr1_auth_atom_id 
_pdbx_struct_conn_angle.ptnr1_auth_asym_id 
_pdbx_struct_conn_angle.ptnr1_auth_comp_id 
_pdbx_struct_conn_angle.ptnr1_auth_seq_id 
_pdbx_struct_conn_angle.ptnr1_PDB_ins_code 
_pdbx_struct_conn_angle.ptnr1_symmetry 
_pdbx_struct_conn_angle.ptnr2_label_atom_id 
_pdbx_struct_conn_angle.ptnr2_label_alt_id 
_pdbx_struct_conn_angle.ptnr2_label_asym_id 
_pdbx_struct_conn_angle.ptnr2_label_comp_id 
_pdbx_struct_conn_angle.ptnr2_label_seq_id 
_pdbx_struct_conn_angle.ptnr2_auth_atom_id 
_pdbx_struct_conn_angle.ptnr2_auth_asym_id 
_pdbx_struct_conn_angle.ptnr2_auth_comp_id 
_pdbx_struct_conn_angle.ptnr2_auth_seq_id 
_pdbx_struct_conn_angle.ptnr2_PDB_ins_code 
_pdbx_struct_conn_angle.ptnr2_symmetry 
_pdbx_struct_conn_angle.ptnr3_label_atom_id 
_pdbx_struct_conn_angle.ptnr3_label_alt_id 
_pdbx_struct_conn_angle.ptnr3_label_asym_id 
_pdbx_struct_conn_angle.ptnr3_label_comp_id 
_pdbx_struct_conn_angle.ptnr3_label_seq_id 
_pdbx_struct_conn_angle.ptnr3_auth_atom_id 
_pdbx_struct_conn_angle.ptnr3_auth_asym_id 
_pdbx_struct_conn_angle.ptnr3_auth_comp_id 
_pdbx_struct_conn_angle.ptnr3_auth_seq_id 
_pdbx_struct_conn_angle.ptnr3_PDB_ins_code 
_pdbx_struct_conn_angle.ptnr3_symmetry 
_pdbx_struct_conn_angle.value 
_pdbx_struct_conn_angle.value_esd 
1  N7 ? A G   6 ? A G   6  ? 1_555 CO ? B NCO . ? A NCO 19 ? 1_555 N1 ? B NCO . ? A NCO 19 ? 1_555 106.5 ? 
2  N7 ? A G   6 ? A G   6  ? 1_555 CO ? B NCO . ? A NCO 19 ? 1_555 N2 ? B NCO . ? A NCO 19 ? 1_555 75.8  ? 
3  N1 ? B NCO . ? A NCO 19 ? 1_555 CO ? B NCO . ? A NCO 19 ? 1_555 N2 ? B NCO . ? A NCO 19 ? 1_555 177.5 ? 
4  N7 ? A G   6 ? A G   6  ? 1_555 CO ? B NCO . ? A NCO 19 ? 1_555 N3 ? B NCO . ? A NCO 19 ? 1_555 131.4 ? 
5  N1 ? B NCO . ? A NCO 19 ? 1_555 CO ? B NCO . ? A NCO 19 ? 1_555 N3 ? B NCO . ? A NCO 19 ? 1_555 92.7  ? 
6  N2 ? B NCO . ? A NCO 19 ? 1_555 CO ? B NCO . ? A NCO 19 ? 1_555 N3 ? B NCO . ? A NCO 19 ? 1_555 85.0  ? 
7  N7 ? A G   6 ? A G   6  ? 1_555 CO ? B NCO . ? A NCO 19 ? 1_555 N4 ? B NCO . ? A NCO 19 ? 1_555 53.6  ? 
8  N1 ? B NCO . ? A NCO 19 ? 1_555 CO ? B NCO . ? A NCO 19 ? 1_555 N4 ? B NCO . ? A NCO 19 ? 1_555 81.9  ? 
9  N2 ? B NCO . ? A NCO 19 ? 1_555 CO ? B NCO . ? A NCO 19 ? 1_555 N4 ? B NCO . ? A NCO 19 ? 1_555 100.3 ? 
10 N3 ? B NCO . ? A NCO 19 ? 1_555 CO ? B NCO . ? A NCO 19 ? 1_555 N4 ? B NCO . ? A NCO 19 ? 1_555 173.9 ? 
11 N7 ? A G   6 ? A G   6  ? 1_555 CO ? B NCO . ? A NCO 19 ? 1_555 N5 ? B NCO . ? A NCO 19 ? 1_555 121.9 ? 
12 N1 ? B NCO . ? A NCO 19 ? 1_555 CO ? B NCO . ? A NCO 19 ? 1_555 N5 ? B NCO . ? A NCO 19 ? 1_555 100.2 ? 
13 N2 ? B NCO . ? A NCO 19 ? 1_555 CO ? B NCO . ? A NCO 19 ? 1_555 N5 ? B NCO . ? A NCO 19 ? 1_555 79.1  ? 
14 N3 ? B NCO . ? A NCO 19 ? 1_555 CO ? B NCO . ? A NCO 19 ? 1_555 N5 ? B NCO . ? A NCO 19 ? 1_555 96.8  ? 
15 N4 ? B NCO . ? A NCO 19 ? 1_555 CO ? B NCO . ? A NCO 19 ? 1_555 N5 ? B NCO . ? A NCO 19 ? 1_555 81.4  ? 
16 N7 ? A G   6 ? A G   6  ? 1_555 CO ? B NCO . ? A NCO 19 ? 1_555 N6 ? B NCO . ? A NCO 19 ? 1_555 55.0  ? 
17 N1 ? B NCO . ? A NCO 19 ? 1_555 CO ? B NCO . ? A NCO 19 ? 1_555 N6 ? B NCO . ? A NCO 19 ? 1_555 80.5  ? 
18 N2 ? B NCO . ? A NCO 19 ? 1_555 CO ? B NCO . ? A NCO 19 ? 1_555 N6 ? B NCO . ? A NCO 19 ? 1_555 100.4 ? 
19 N3 ? B NCO . ? A NCO 19 ? 1_555 CO ? B NCO . ? A NCO 19 ? 1_555 N6 ? B NCO . ? A NCO 19 ? 1_555 86.4  ? 
20 N4 ? B NCO . ? A NCO 19 ? 1_555 CO ? B NCO . ? A NCO 19 ? 1_555 N6 ? B NCO . ? A NCO 19 ? 1_555 95.5  ? 
21 N5 ? B NCO . ? A NCO 19 ? 1_555 CO ? B NCO . ? A NCO 19 ? 1_555 N6 ? B NCO . ? A NCO 19 ? 1_555 176.8 ? 
# 
_struct_site.id                   AC1 
_struct_site.pdbx_evidence_code   Software 
_struct_site.pdbx_auth_asym_id    A 
_struct_site.pdbx_auth_comp_id    NCO 
_struct_site.pdbx_auth_seq_id     19 
_struct_site.pdbx_auth_ins_code   ? 
_struct_site.pdbx_num_residues    6 
_struct_site.details              'BINDING SITE FOR RESIDUE NCO A 19' 
# 
loop_
_struct_site_gen.id 
_struct_site_gen.site_id 
_struct_site_gen.pdbx_num_res 
_struct_site_gen.label_comp_id 
_struct_site_gen.label_asym_id 
_struct_site_gen.label_seq_id 
_struct_site_gen.pdbx_auth_ins_code 
_struct_site_gen.auth_comp_id 
_struct_site_gen.auth_asym_id 
_struct_site_gen.auth_seq_id 
_struct_site_gen.label_atom_id 
_struct_site_gen.label_alt_id 
_struct_site_gen.symmetry 
_struct_site_gen.details 
1 AC1 6 G A 5  ? G A 5  . ? 1_555 ? 
2 AC1 6 G A 6  ? G A 6  . ? 1_555 ? 
3 AC1 6 G A 7  ? G A 7  . ? 1_555 ? 
4 AC1 6 G A 8  ? G A 8  . ? 1_555 ? 
5 AC1 6 C A 12 ? C A 12 . ? 1_555 ? 
6 AC1 6 U A 13 ? U A 13 . ? 1_555 ? 
# 
_pdbx_validate_close_contact.id               1 
_pdbx_validate_close_contact.PDB_model_num    1 
_pdbx_validate_close_contact.auth_atom_id_1   O6 
_pdbx_validate_close_contact.auth_asym_id_1   A 
_pdbx_validate_close_contact.auth_comp_id_1   G 
_pdbx_validate_close_contact.auth_seq_id_1    7 
_pdbx_validate_close_contact.PDB_ins_code_1   ? 
_pdbx_validate_close_contact.label_alt_id_1   ? 
_pdbx_validate_close_contact.auth_atom_id_2   H41 
_pdbx_validate_close_contact.auth_asym_id_2   A 
_pdbx_validate_close_contact.auth_comp_id_2   C 
_pdbx_validate_close_contact.auth_seq_id_2    12 
_pdbx_validate_close_contact.PDB_ins_code_2   ? 
_pdbx_validate_close_contact.label_alt_id_2   ? 
_pdbx_validate_close_contact.dist             1.60 
# 
_pdbx_nmr_ensemble.entry_id                             1AJF 
_pdbx_nmr_ensemble.conformers_calculated_total_number   32 
_pdbx_nmr_ensemble.conformers_submitted_total_number    1 
_pdbx_nmr_ensemble.conformer_selection_criteria         'NOE ENERGY (LEAST RESTRAINT VIOLATIONS), TOTAL ENERGY' 
# 
_pdbx_nmr_representative.conformer_id         1 
_pdbx_nmr_representative.entry_id             1AJF 
_pdbx_nmr_representative.selection_criteria   ? 
# 
_pdbx_nmr_exptl_sample_conditions.conditions_id          1 
_pdbx_nmr_exptl_sample_conditions.temperature            283 
_pdbx_nmr_exptl_sample_conditions.pressure               ? 
_pdbx_nmr_exptl_sample_conditions.pH                     6.4 
_pdbx_nmr_exptl_sample_conditions.ionic_strength         ? 
_pdbx_nmr_exptl_sample_conditions.pressure_units         . 
_pdbx_nmr_exptl_sample_conditions.temperature_units      K 
_pdbx_nmr_exptl_sample_conditions.label                  ? 
_pdbx_nmr_exptl_sample_conditions.pH_units               ? 
_pdbx_nmr_exptl_sample_conditions.ionic_strength_units   ? 
# 
loop_
_pdbx_nmr_exptl.experiment_id 
_pdbx_nmr_exptl.conditions_id 
_pdbx_nmr_exptl.type 
_pdbx_nmr_exptl.solution_id 
1 1 DQF-COSY      1 
2 1 'D2O NOESY'   1 
3 1 'H2O NOESY'   1 
4 1 '13C-1H HMQC' 1 
# 
_pdbx_nmr_refine.entry_id           1AJF 
_pdbx_nmr_refine.method             'RESTRAINED MOLECULAR DYNAMICS' 
_pdbx_nmr_refine.details            'REFINEMENT DETAILS CAN BE FOUND IN THE JRNL CITATION ABOVE.' 
_pdbx_nmr_refine.software_ordinal   1 
# 
loop_
_pdbx_nmr_software.classification 
_pdbx_nmr_software.name 
_pdbx_nmr_software.version 
_pdbx_nmr_software.authors 
_pdbx_nmr_software.ordinal 
refinement              X-PLOR   3.1    BRUNGER                  1 
'structure calculation' Felix    95     'Accelrys Software Inc.' 2 
'structure calculation' X-PLOR   3.1    BRUNGER                  3 
'structure calculation' Discover BIOSYM 'Accelrys Software Inc.' 4 
# 
loop_
_chem_comp_atom.comp_id 
_chem_comp_atom.atom_id 
_chem_comp_atom.type_symbol 
_chem_comp_atom.pdbx_aromatic_flag 
_chem_comp_atom.pdbx_stereo_config 
_chem_comp_atom.pdbx_ordinal 
A   OP3    O  N N 1   
A   P      P  N N 2   
A   OP1    O  N N 3   
A   OP2    O  N N 4   
A   "O5'"  O  N N 5   
A   "C5'"  C  N N 6   
A   "C4'"  C  N R 7   
A   "O4'"  O  N N 8   
A   "C3'"  C  N S 9   
A   "O3'"  O  N N 10  
A   "C2'"  C  N R 11  
A   "O2'"  O  N N 12  
A   "C1'"  C  N R 13  
A   N9     N  Y N 14  
A   C8     C  Y N 15  
A   N7     N  Y N 16  
A   C5     C  Y N 17  
A   C6     C  Y N 18  
A   N6     N  N N 19  
A   N1     N  Y N 20  
A   C2     C  Y N 21  
A   N3     N  Y N 22  
A   C4     C  Y N 23  
A   HOP3   H  N N 24  
A   HOP2   H  N N 25  
A   "H5'"  H  N N 26  
A   "H5''" H  N N 27  
A   "H4'"  H  N N 28  
A   "H3'"  H  N N 29  
A   "HO3'" H  N N 30  
A   "H2'"  H  N N 31  
A   "HO2'" H  N N 32  
A   "H1'"  H  N N 33  
A   H8     H  N N 34  
A   H61    H  N N 35  
A   H62    H  N N 36  
A   H2     H  N N 37  
C   OP3    O  N N 38  
C   P      P  N N 39  
C   OP1    O  N N 40  
C   OP2    O  N N 41  
C   "O5'"  O  N N 42  
C   "C5'"  C  N N 43  
C   "C4'"  C  N R 44  
C   "O4'"  O  N N 45  
C   "C3'"  C  N S 46  
C   "O3'"  O  N N 47  
C   "C2'"  C  N R 48  
C   "O2'"  O  N N 49  
C   "C1'"  C  N R 50  
C   N1     N  N N 51  
C   C2     C  N N 52  
C   O2     O  N N 53  
C   N3     N  N N 54  
C   C4     C  N N 55  
C   N4     N  N N 56  
C   C5     C  N N 57  
C   C6     C  N N 58  
C   HOP3   H  N N 59  
C   HOP2   H  N N 60  
C   "H5'"  H  N N 61  
C   "H5''" H  N N 62  
C   "H4'"  H  N N 63  
C   "H3'"  H  N N 64  
C   "HO3'" H  N N 65  
C   "H2'"  H  N N 66  
C   "HO2'" H  N N 67  
C   "H1'"  H  N N 68  
C   H41    H  N N 69  
C   H42    H  N N 70  
C   H5     H  N N 71  
C   H6     H  N N 72  
G   OP3    O  N N 73  
G   P      P  N N 74  
G   OP1    O  N N 75  
G   OP2    O  N N 76  
G   "O5'"  O  N N 77  
G   "C5'"  C  N N 78  
G   "C4'"  C  N R 79  
G   "O4'"  O  N N 80  
G   "C3'"  C  N S 81  
G   "O3'"  O  N N 82  
G   "C2'"  C  N R 83  
G   "O2'"  O  N N 84  
G   "C1'"  C  N R 85  
G   N9     N  Y N 86  
G   C8     C  Y N 87  
G   N7     N  Y N 88  
G   C5     C  Y N 89  
G   C6     C  N N 90  
G   O6     O  N N 91  
G   N1     N  N N 92  
G   C2     C  N N 93  
G   N2     N  N N 94  
G   N3     N  N N 95  
G   C4     C  Y N 96  
G   HOP3   H  N N 97  
G   HOP2   H  N N 98  
G   "H5'"  H  N N 99  
G   "H5''" H  N N 100 
G   "H4'"  H  N N 101 
G   "H3'"  H  N N 102 
G   "HO3'" H  N N 103 
G   "H2'"  H  N N 104 
G   "HO2'" H  N N 105 
G   "H1'"  H  N N 106 
G   H8     H  N N 107 
G   H1     H  N N 108 
G   H21    H  N N 109 
G   H22    H  N N 110 
NCO CO     CO N N 111 
NCO N1     N  N N 112 
NCO N2     N  N N 113 
NCO N3     N  N N 114 
NCO N4     N  N N 115 
NCO N5     N  N N 116 
NCO N6     N  N N 117 
NCO HN11   H  N N 118 
NCO HN12   H  N N 119 
NCO HN13   H  N N 120 
NCO HN21   H  N N 121 
NCO HN22   H  N N 122 
NCO HN23   H  N N 123 
NCO HN31   H  N N 124 
NCO HN32   H  N N 125 
NCO HN33   H  N N 126 
NCO HN41   H  N N 127 
NCO HN42   H  N N 128 
NCO HN43   H  N N 129 
NCO HN51   H  N N 130 
NCO HN52   H  N N 131 
NCO HN53   H  N N 132 
NCO HN61   H  N N 133 
NCO HN62   H  N N 134 
NCO HN63   H  N N 135 
U   OP3    O  N N 136 
U   P      P  N N 137 
U   OP1    O  N N 138 
U   OP2    O  N N 139 
U   "O5'"  O  N N 140 
U   "C5'"  C  N N 141 
U   "C4'"  C  N R 142 
U   "O4'"  O  N N 143 
U   "C3'"  C  N S 144 
U   "O3'"  O  N N 145 
U   "C2'"  C  N R 146 
U   "O2'"  O  N N 147 
U   "C1'"  C  N R 148 
U   N1     N  N N 149 
U   C2     C  N N 150 
U   O2     O  N N 151 
U   N3     N  N N 152 
U   C4     C  N N 153 
U   O4     O  N N 154 
U   C5     C  N N 155 
U   C6     C  N N 156 
U   HOP3   H  N N 157 
U   HOP2   H  N N 158 
U   "H5'"  H  N N 159 
U   "H5''" H  N N 160 
U   "H4'"  H  N N 161 
U   "H3'"  H  N N 162 
U   "HO3'" H  N N 163 
U   "H2'"  H  N N 164 
U   "HO2'" H  N N 165 
U   "H1'"  H  N N 166 
U   H3     H  N N 167 
U   H5     H  N N 168 
U   H6     H  N N 169 
# 
loop_
_chem_comp_bond.comp_id 
_chem_comp_bond.atom_id_1 
_chem_comp_bond.atom_id_2 
_chem_comp_bond.value_order 
_chem_comp_bond.pdbx_aromatic_flag 
_chem_comp_bond.pdbx_stereo_config 
_chem_comp_bond.pdbx_ordinal 
A   OP3   P      sing N N 1   
A   OP3   HOP3   sing N N 2   
A   P     OP1    doub N N 3   
A   P     OP2    sing N N 4   
A   P     "O5'"  sing N N 5   
A   OP2   HOP2   sing N N 6   
A   "O5'" "C5'"  sing N N 7   
A   "C5'" "C4'"  sing N N 8   
A   "C5'" "H5'"  sing N N 9   
A   "C5'" "H5''" sing N N 10  
A   "C4'" "O4'"  sing N N 11  
A   "C4'" "C3'"  sing N N 12  
A   "C4'" "H4'"  sing N N 13  
A   "O4'" "C1'"  sing N N 14  
A   "C3'" "O3'"  sing N N 15  
A   "C3'" "C2'"  sing N N 16  
A   "C3'" "H3'"  sing N N 17  
A   "O3'" "HO3'" sing N N 18  
A   "C2'" "O2'"  sing N N 19  
A   "C2'" "C1'"  sing N N 20  
A   "C2'" "H2'"  sing N N 21  
A   "O2'" "HO2'" sing N N 22  
A   "C1'" N9     sing N N 23  
A   "C1'" "H1'"  sing N N 24  
A   N9    C8     sing Y N 25  
A   N9    C4     sing Y N 26  
A   C8    N7     doub Y N 27  
A   C8    H8     sing N N 28  
A   N7    C5     sing Y N 29  
A   C5    C6     sing Y N 30  
A   C5    C4     doub Y N 31  
A   C6    N6     sing N N 32  
A   C6    N1     doub Y N 33  
A   N6    H61    sing N N 34  
A   N6    H62    sing N N 35  
A   N1    C2     sing Y N 36  
A   C2    N3     doub Y N 37  
A   C2    H2     sing N N 38  
A   N3    C4     sing Y N 39  
C   OP3   P      sing N N 40  
C   OP3   HOP3   sing N N 41  
C   P     OP1    doub N N 42  
C   P     OP2    sing N N 43  
C   P     "O5'"  sing N N 44  
C   OP2   HOP2   sing N N 45  
C   "O5'" "C5'"  sing N N 46  
C   "C5'" "C4'"  sing N N 47  
C   "C5'" "H5'"  sing N N 48  
C   "C5'" "H5''" sing N N 49  
C   "C4'" "O4'"  sing N N 50  
C   "C4'" "C3'"  sing N N 51  
C   "C4'" "H4'"  sing N N 52  
C   "O4'" "C1'"  sing N N 53  
C   "C3'" "O3'"  sing N N 54  
C   "C3'" "C2'"  sing N N 55  
C   "C3'" "H3'"  sing N N 56  
C   "O3'" "HO3'" sing N N 57  
C   "C2'" "O2'"  sing N N 58  
C   "C2'" "C1'"  sing N N 59  
C   "C2'" "H2'"  sing N N 60  
C   "O2'" "HO2'" sing N N 61  
C   "C1'" N1     sing N N 62  
C   "C1'" "H1'"  sing N N 63  
C   N1    C2     sing N N 64  
C   N1    C6     sing N N 65  
C   C2    O2     doub N N 66  
C   C2    N3     sing N N 67  
C   N3    C4     doub N N 68  
C   C4    N4     sing N N 69  
C   C4    C5     sing N N 70  
C   N4    H41    sing N N 71  
C   N4    H42    sing N N 72  
C   C5    C6     doub N N 73  
C   C5    H5     sing N N 74  
C   C6    H6     sing N N 75  
G   OP3   P      sing N N 76  
G   OP3   HOP3   sing N N 77  
G   P     OP1    doub N N 78  
G   P     OP2    sing N N 79  
G   P     "O5'"  sing N N 80  
G   OP2   HOP2   sing N N 81  
G   "O5'" "C5'"  sing N N 82  
G   "C5'" "C4'"  sing N N 83  
G   "C5'" "H5'"  sing N N 84  
G   "C5'" "H5''" sing N N 85  
G   "C4'" "O4'"  sing N N 86  
G   "C4'" "C3'"  sing N N 87  
G   "C4'" "H4'"  sing N N 88  
G   "O4'" "C1'"  sing N N 89  
G   "C3'" "O3'"  sing N N 90  
G   "C3'" "C2'"  sing N N 91  
G   "C3'" "H3'"  sing N N 92  
G   "O3'" "HO3'" sing N N 93  
G   "C2'" "O2'"  sing N N 94  
G   "C2'" "C1'"  sing N N 95  
G   "C2'" "H2'"  sing N N 96  
G   "O2'" "HO2'" sing N N 97  
G   "C1'" N9     sing N N 98  
G   "C1'" "H1'"  sing N N 99  
G   N9    C8     sing Y N 100 
G   N9    C4     sing Y N 101 
G   C8    N7     doub Y N 102 
G   C8    H8     sing N N 103 
G   N7    C5     sing Y N 104 
G   C5    C6     sing N N 105 
G   C5    C4     doub Y N 106 
G   C6    O6     doub N N 107 
G   C6    N1     sing N N 108 
G   N1    C2     sing N N 109 
G   N1    H1     sing N N 110 
G   C2    N2     sing N N 111 
G   C2    N3     doub N N 112 
G   N2    H21    sing N N 113 
G   N2    H22    sing N N 114 
G   N3    C4     sing N N 115 
NCO CO    N1     sing N N 116 
NCO CO    N2     sing N N 117 
NCO CO    N3     sing N N 118 
NCO CO    N4     sing N N 119 
NCO CO    N5     sing N N 120 
NCO CO    N6     sing N N 121 
NCO N1    HN11   sing N N 122 
NCO N1    HN12   sing N N 123 
NCO N1    HN13   sing N N 124 
NCO N2    HN21   sing N N 125 
NCO N2    HN22   sing N N 126 
NCO N2    HN23   sing N N 127 
NCO N3    HN31   sing N N 128 
NCO N3    HN32   sing N N 129 
NCO N3    HN33   sing N N 130 
NCO N4    HN41   sing N N 131 
NCO N4    HN42   sing N N 132 
NCO N4    HN43   sing N N 133 
NCO N5    HN51   sing N N 134 
NCO N5    HN52   sing N N 135 
NCO N5    HN53   sing N N 136 
NCO N6    HN61   sing N N 137 
NCO N6    HN62   sing N N 138 
NCO N6    HN63   sing N N 139 
U   OP3   P      sing N N 140 
U   OP3   HOP3   sing N N 141 
U   P     OP1    doub N N 142 
U   P     OP2    sing N N 143 
U   P     "O5'"  sing N N 144 
U   OP2   HOP2   sing N N 145 
U   "O5'" "C5'"  sing N N 146 
U   "C5'" "C4'"  sing N N 147 
U   "C5'" "H5'"  sing N N 148 
U   "C5'" "H5''" sing N N 149 
U   "C4'" "O4'"  sing N N 150 
U   "C4'" "C3'"  sing N N 151 
U   "C4'" "H4'"  sing N N 152 
U   "O4'" "C1'"  sing N N 153 
U   "C3'" "O3'"  sing N N 154 
U   "C3'" "C2'"  sing N N 155 
U   "C3'" "H3'"  sing N N 156 
U   "O3'" "HO3'" sing N N 157 
U   "C2'" "O2'"  sing N N 158 
U   "C2'" "C1'"  sing N N 159 
U   "C2'" "H2'"  sing N N 160 
U   "O2'" "HO2'" sing N N 161 
U   "C1'" N1     sing N N 162 
U   "C1'" "H1'"  sing N N 163 
U   N1    C2     sing N N 164 
U   N1    C6     sing N N 165 
U   C2    O2     doub N N 166 
U   C2    N3     sing N N 167 
U   N3    C4     sing N N 168 
U   N3    H3     sing N N 169 
U   C4    O4     doub N N 170 
U   C4    C5     sing N N 171 
U   C5    C6     doub N N 172 
U   C5    H5     sing N N 173 
U   C6    H6     sing N N 174 
# 
loop_
_ndb_struct_conf_na.entry_id 
_ndb_struct_conf_na.feature 
1AJF 'double helix'         
1AJF 'a-form double helix'  
1AJF tetraloop              
1AJF 'mismatched base pair' 
# 
loop_
_ndb_struct_na_base_pair.model_number 
_ndb_struct_na_base_pair.i_label_asym_id 
_ndb_struct_na_base_pair.i_label_comp_id 
_ndb_struct_na_base_pair.i_label_seq_id 
_ndb_struct_na_base_pair.i_symmetry 
_ndb_struct_na_base_pair.j_label_asym_id 
_ndb_struct_na_base_pair.j_label_comp_id 
_ndb_struct_na_base_pair.j_label_seq_id 
_ndb_struct_na_base_pair.j_symmetry 
_ndb_struct_na_base_pair.shear 
_ndb_struct_na_base_pair.stretch 
_ndb_struct_na_base_pair.stagger 
_ndb_struct_na_base_pair.buckle 
_ndb_struct_na_base_pair.propeller 
_ndb_struct_na_base_pair.opening 
_ndb_struct_na_base_pair.pair_number 
_ndb_struct_na_base_pair.pair_name 
_ndb_struct_na_base_pair.i_auth_asym_id 
_ndb_struct_na_base_pair.i_auth_seq_id 
_ndb_struct_na_base_pair.i_PDB_ins_code 
_ndb_struct_na_base_pair.j_auth_asym_id 
_ndb_struct_na_base_pair.j_auth_seq_id 
_ndb_struct_na_base_pair.j_PDB_ins_code 
_ndb_struct_na_base_pair.hbond_type_28 
_ndb_struct_na_base_pair.hbond_type_12 
1 A G 1 1_555 A C 18 1_555 -0.476 -0.288 -0.438 -27.726 -17.123 -4.319  1 A_G1:C18_A A 1 ? A 18 ? 19 1  
1 A A 2 1_555 A U 17 1_555 0.410  -0.063 0.507  5.557   -2.361  -11.070 2 A_A2:U17_A A 2 ? A 17 ? 20 1  
1 A C 3 1_555 A G 16 1_555 0.461  -0.272 -0.250 10.152  -10.140 -1.708  3 A_C3:G16_A A 3 ? A 16 ? 19 1  
1 A A 4 1_555 A U 15 1_555 -0.002 -0.313 -0.787 -7.828  -25.907 2.116   4 A_A4:U15_A A 4 ? A 15 ? 20 1  
1 A G 5 1_555 A U 14 1_555 -2.479 -0.660 -1.171 -17.834 -9.893  0.037   5 A_G5:U14_A A 5 ? A 14 ? 28 ?  
1 A G 6 1_555 A U 13 1_555 -2.568 -0.498 0.547  3.955   -0.086  1.629   6 A_G6:U13_A A 6 ? A 13 ? 28 ?  
1 A G 7 1_555 A C 12 1_555 -0.435 -0.365 0.020  -5.324  0.653   -4.273  7 A_G7:C12_A A 7 ? A 12 ? 19 1  
1 A G 8 1_555 A A 11 1_555 6.955  -5.370 0.263  19.040  -1.049  -24.735 8 A_G8:A11_A A 8 ? A 11 ? ?  10 
# 
loop_
_ndb_struct_na_base_pair_step.model_number 
_ndb_struct_na_base_pair_step.i_label_asym_id_1 
_ndb_struct_na_base_pair_step.i_label_comp_id_1 
_ndb_struct_na_base_pair_step.i_label_seq_id_1 
_ndb_struct_na_base_pair_step.i_symmetry_1 
_ndb_struct_na_base_pair_step.j_label_asym_id_1 
_ndb_struct_na_base_pair_step.j_label_comp_id_1 
_ndb_struct_na_base_pair_step.j_label_seq_id_1 
_ndb_struct_na_base_pair_step.j_symmetry_1 
_ndb_struct_na_base_pair_step.i_label_asym_id_2 
_ndb_struct_na_base_pair_step.i_label_comp_id_2 
_ndb_struct_na_base_pair_step.i_label_seq_id_2 
_ndb_struct_na_base_pair_step.i_symmetry_2 
_ndb_struct_na_base_pair_step.j_label_asym_id_2 
_ndb_struct_na_base_pair_step.j_label_comp_id_2 
_ndb_struct_na_base_pair_step.j_label_seq_id_2 
_ndb_struct_na_base_pair_step.j_symmetry_2 
_ndb_struct_na_base_pair_step.shift 
_ndb_struct_na_base_pair_step.slide 
_ndb_struct_na_base_pair_step.rise 
_ndb_struct_na_base_pair_step.tilt 
_ndb_struct_na_base_pair_step.roll 
_ndb_struct_na_base_pair_step.twist 
_ndb_struct_na_base_pair_step.x_displacement 
_ndb_struct_na_base_pair_step.y_displacement 
_ndb_struct_na_base_pair_step.helical_rise 
_ndb_struct_na_base_pair_step.inclination 
_ndb_struct_na_base_pair_step.tip 
_ndb_struct_na_base_pair_step.helical_twist 
_ndb_struct_na_base_pair_step.step_number 
_ndb_struct_na_base_pair_step.step_name 
_ndb_struct_na_base_pair_step.i_auth_asym_id_1 
_ndb_struct_na_base_pair_step.i_auth_seq_id_1 
_ndb_struct_na_base_pair_step.i_PDB_ins_code_1 
_ndb_struct_na_base_pair_step.j_auth_asym_id_1 
_ndb_struct_na_base_pair_step.j_auth_seq_id_1 
_ndb_struct_na_base_pair_step.j_PDB_ins_code_1 
_ndb_struct_na_base_pair_step.i_auth_asym_id_2 
_ndb_struct_na_base_pair_step.i_auth_seq_id_2 
_ndb_struct_na_base_pair_step.i_PDB_ins_code_2 
_ndb_struct_na_base_pair_step.j_auth_asym_id_2 
_ndb_struct_na_base_pair_step.j_auth_seq_id_2 
_ndb_struct_na_base_pair_step.j_PDB_ins_code_2 
1 A G 1 1_555 A C 18 1_555 A A 2 1_555 A U 17 1_555 -0.749 -0.981 2.354 -5.377  -5.950  33.917 -0.949 0.627  2.570 -10.027 9.061   
34.825 1 AA_G1A2:U17C18_AA A 1 ? A 18 ? A 2 ? A 17 ? 
1 A A 2 1_555 A U 17 1_555 A C 3 1_555 A G 16 1_555 1.619  -1.220 3.019 8.879   2.743   34.886 -2.349 -1.394 3.220 4.478   -14.495 
36.065 2 AA_A2C3:G16U17_AA A 2 ? A 17 ? A 3 ? A 16 ? 
1 A C 3 1_555 A G 16 1_555 A A 4 1_555 A U 15 1_555 -0.040 -1.407 3.693 5.311   19.647  28.971 -5.261 0.860  2.276 34.427  -9.307  
35.280 3 AA_C3A4:U15G16_AA A 3 ? A 16 ? A 4 ? A 15 ? 
1 A A 4 1_555 A U 15 1_555 A G 5 1_555 A U 14 1_555 -0.465 -1.430 3.429 -7.216  17.867  25.310 -5.707 -0.397 2.061 35.022  14.145  
31.715 4 AA_A4G5:U14U15_AA A 4 ? A 15 ? A 5 ? A 14 ? 
1 A G 5 1_555 A U 14 1_555 A G 6 1_555 A U 13 1_555 0.107  -1.166 3.020 -12.002 -12.192 28.292 0.004  -2.216 2.985 -22.528 22.177  
32.972 5 AA_G5G6:U13U14_AA A 5 ? A 14 ? A 6 ? A 13 ? 
1 A G 6 1_555 A U 13 1_555 A G 7 1_555 A C 12 1_555 -0.349 -1.666 3.434 -1.993  18.652  43.485 -3.547 0.280  2.566 23.895  2.553   
47.177 6 AA_G6G7:C12U13_AA A 6 ? A 13 ? A 7 ? A 12 ? 
1 A G 7 1_555 A C 12 1_555 A G 8 1_555 A A 11 1_555 -1.130 -0.956 2.459 -2.319  2.738   60.732 -1.043 1.032  2.455 2.706   2.291   
60.828 7 AA_G7G8:A11C12_AA A 7 ? A 12 ? A 8 ? A 11 ? 
# 
loop_
_pdbx_nmr_spectrometer.spectrometer_id 
_pdbx_nmr_spectrometer.model 
_pdbx_nmr_spectrometer.manufacturer 
_pdbx_nmr_spectrometer.field_strength 
_pdbx_nmr_spectrometer.type 
1 AMX Bruker 500 ? 
2 GN  GE     600 ? 
# 
_atom_sites.entry_id                    1AJF 
_atom_sites.fract_transf_matrix[1][1]   1.000000 
_atom_sites.fract_transf_matrix[1][2]   0.000000 
_atom_sites.fract_transf_matrix[1][3]   0.000000 
_atom_sites.fract_transf_matrix[2][1]   0.000000 
_atom_sites.fract_transf_matrix[2][2]   1.000000 
_atom_sites.fract_transf_matrix[2][3]   0.000000 
_atom_sites.fract_transf_matrix[3][1]   0.000000 
_atom_sites.fract_transf_matrix[3][2]   0.000000 
_atom_sites.fract_transf_matrix[3][3]   1.000000 
_atom_sites.fract_transf_vector[1]      0.00000 
_atom_sites.fract_transf_vector[2]      0.00000 
_atom_sites.fract_transf_vector[3]      0.00000 
# 
loop_
_atom_type.symbol 
C  
CO 
H  
N  
O  
P  
# 
loop_
_atom_site.group_PDB 
_atom_site.id 
_atom_site.type_symbol 
_atom_site.label_atom_id 
_atom_site.label_alt_id 
_atom_site.label_comp_id 
_atom_site.label_asym_id 
_atom_site.label_entity_id 
_atom_site.label_seq_id 
_atom_site.pdbx_PDB_ins_code 
_atom_site.Cartn_x 
_atom_site.Cartn_y 
_atom_site.Cartn_z 
_atom_site.occupancy 
_atom_site.B_iso_or_equiv 
_atom_site.pdbx_formal_charge 
_atom_site.auth_seq_id 
_atom_site.auth_comp_id 
_atom_site.auth_asym_id 
_atom_site.auth_atom_id 
_atom_site.pdbx_PDB_model_num 
ATOM   1   O  "O5'"  . G   A 1 1  ? 6.029   -4.434  -12.206 1.00 0.00 ? 1  G   A "O5'"  1 
ATOM   2   C  "C5'"  . G   A 1 1  ? 6.807   -3.545  -13.014 1.00 0.00 ? 1  G   A "C5'"  1 
ATOM   3   C  "C4'"  . G   A 1 1  ? 5.956   -2.417  -13.594 1.00 0.00 ? 1  G   A "C4'"  1 
ATOM   4   O  "O4'"  . G   A 1 1  ? 4.839   -2.973  -14.304 1.00 0.00 ? 1  G   A "O4'"  1 
ATOM   5   C  "C3'"  . G   A 1 1  ? 5.301   -1.512  -12.567 1.00 0.00 ? 1  G   A "C3'"  1 
ATOM   6   O  "O3'"  . G   A 1 1  ? 6.232   -0.469  -12.248 1.00 0.00 ? 1  G   A "O3'"  1 
ATOM   7   C  "C2'"  . G   A 1 1  ? 4.177   -0.899  -13.385 1.00 0.00 ? 1  G   A "C2'"  1 
ATOM   8   O  "O2'"  . G   A 1 1  ? 4.682   0.080   -14.300 1.00 0.00 ? 1  G   A "O2'"  1 
ATOM   9   C  "C1'"  . G   A 1 1  ? 3.677   -2.135  -14.133 1.00 0.00 ? 1  G   A "C1'"  1 
ATOM   10  N  N9     . G   A 1 1  ? 2.655   -2.877  -13.368 1.00 0.00 ? 1  G   A N9     1 
ATOM   11  C  C8     . G   A 1 1  ? 2.796   -4.034  -12.645 1.00 0.00 ? 1  G   A C8     1 
ATOM   12  N  N7     . G   A 1 1  ? 1.697   -4.429  -12.068 1.00 0.00 ? 1  G   A N7     1 
ATOM   13  C  C5     . G   A 1 1  ? 0.761   -3.466  -12.433 1.00 0.00 ? 1  G   A C5     1 
ATOM   14  C  C6     . G   A 1 1  ? -0.618  -3.360  -12.105 1.00 0.00 ? 1  G   A C6     1 
ATOM   15  O  O6     . G   A 1 1  ? -1.299  -4.108  -11.410 1.00 0.00 ? 1  G   A O6     1 
ATOM   16  N  N1     . G   A 1 1  ? -1.192  -2.242  -12.677 1.00 0.00 ? 1  G   A N1     1 
ATOM   17  C  C2     . G   A 1 1  ? -0.533  -1.334  -13.466 1.00 0.00 ? 1  G   A C2     1 
ATOM   18  N  N2     . G   A 1 1  ? -1.240  -0.314  -13.930 1.00 0.00 ? 1  G   A N2     1 
ATOM   19  N  N3     . G   A 1 1  ? 0.757   -1.418  -13.784 1.00 0.00 ? 1  G   A N3     1 
ATOM   20  C  C4     . G   A 1 1  ? 1.339   -2.509  -13.232 1.00 0.00 ? 1  G   A C4     1 
ATOM   21  H  "H5'"  . G   A 1 1  ? 7.252   -4.109  -13.835 1.00 0.00 ? 1  G   A "H5'"  1 
ATOM   22  H  "H5''" . G   A 1 1  ? 7.602   -3.115  -12.406 1.00 0.00 ? 1  G   A "H5''" 1 
ATOM   23  H  "H4'"  . G   A 1 1  ? 6.565   -1.835  -14.286 1.00 0.00 ? 1  G   A "H4'"  1 
ATOM   24  H  "H3'"  . G   A 1 1  ? 4.952   -2.041  -11.680 1.00 0.00 ? 1  G   A "H3'"  1 
ATOM   25  H  "H2'"  . G   A 1 1  ? 3.399   -0.482  -12.746 1.00 0.00 ? 1  G   A "H2'"  1 
ATOM   26  H  "HO2'" . G   A 1 1  ? 4.854   0.877   -13.794 1.00 0.00 ? 1  G   A "HO2'" 1 
ATOM   27  H  "H1'"  . G   A 1 1  ? 3.276   -1.866  -15.111 1.00 0.00 ? 1  G   A "H1'"  1 
ATOM   28  H  H8     . G   A 1 1  ? 3.739   -4.573  -12.562 1.00 0.00 ? 1  G   A H8     1 
ATOM   29  H  H1     . G   A 1 1  ? -2.171  -2.089  -12.497 1.00 0.00 ? 1  G   A H1     1 
ATOM   30  H  H21    . G   A 1 1  ? -2.225  -0.244  -13.718 1.00 0.00 ? 1  G   A H21    1 
ATOM   31  H  H22    . G   A 1 1  ? -0.792  0.393   -14.491 1.00 0.00 ? 1  G   A H22    1 
ATOM   32  H  "HO5'" . G   A 1 1  ? 5.379   -4.844  -12.782 1.00 0.00 ? 1  G   A "HO5'" 1 
ATOM   33  P  P      . A   A 1 2  ? 6.149   0.304   -10.835 1.00 0.00 ? 2  A   A P      1 
ATOM   34  O  OP1    . A   A 1 2  ? 7.364   1.137   -10.692 1.00 0.00 ? 2  A   A OP1    1 
ATOM   35  O  OP2    . A   A 1 2  ? 5.802   -0.681  -9.786  1.00 0.00 ? 2  A   A OP2    1 
ATOM   36  O  "O5'"  . A   A 1 2  ? 4.885   1.285   -11.039 1.00 0.00 ? 2  A   A "O5'"  1 
ATOM   37  C  "C5'"  . A   A 1 2  ? 4.998   2.474   -11.831 1.00 0.00 ? 2  A   A "C5'"  1 
ATOM   38  C  "C4'"  . A   A 1 2  ? 3.639   3.135   -12.055 1.00 0.00 ? 2  A   A "C4'"  1 
ATOM   39  O  "O4'"  . A   A 1 2  ? 2.739   2.184   -12.636 1.00 0.00 ? 2  A   A "O4'"  1 
ATOM   40  C  "C3'"  . A   A 1 2  ? 2.920   3.573   -10.791 1.00 0.00 ? 2  A   A "C3'"  1 
ATOM   41  O  "O3'"  . A   A 1 2  ? 3.345   4.909   -10.483 1.00 0.00 ? 2  A   A "O3'"  1 
ATOM   42  C  "C2'"  . A   A 1 2  ? 1.480   3.644   -11.268 1.00 0.00 ? 2  A   A "C2'"  1 
ATOM   43  O  "O2'"  . A   A 1 2  ? 1.268   4.815   -12.066 1.00 0.00 ? 2  A   A "O2'"  1 
ATOM   44  C  "C1'"  . A   A 1 2  ? 1.404   2.386   -12.128 1.00 0.00 ? 2  A   A "C1'"  1 
ATOM   45  N  N9     . A   A 1 2  ? 1.016   1.196   -11.345 1.00 0.00 ? 2  A   A N9     1 
ATOM   46  C  C8     . A   A 1 2  ? 1.827   0.276   -10.732 1.00 0.00 ? 2  A   A C8     1 
ATOM   47  N  N7     . A   A 1 2  ? 1.173   -0.662  -10.107 1.00 0.00 ? 2  A   A N7     1 
ATOM   48  C  C5     . A   A 1 2  ? -0.161  -0.337  -10.322 1.00 0.00 ? 2  A   A C5     1 
ATOM   49  C  C6     . A   A 1 2  ? -1.363  -0.940  -9.922  1.00 0.00 ? 2  A   A C6     1 
ATOM   50  N  N6     . A   A 1 2  ? -1.415  -2.044  -9.185  1.00 0.00 ? 2  A   A N6     1 
ATOM   51  N  N1     . A   A 1 2  ? -2.513  -0.365  -10.305 1.00 0.00 ? 2  A   A N1     1 
ATOM   52  C  C2     . A   A 1 2  ? -2.465  0.742   -11.040 1.00 0.00 ? 2  A   A C2     1 
ATOM   53  N  N3     . A   A 1 2  ? -1.404  1.404   -11.481 1.00 0.00 ? 2  A   A N3     1 
ATOM   54  C  C4     . A   A 1 2  ? -0.269  0.796   -11.076 1.00 0.00 ? 2  A   A C4     1 
ATOM   55  H  "H5'"  . A   A 1 2  ? 5.431   2.219   -12.798 1.00 0.00 ? 2  A   A "H5'"  1 
ATOM   56  H  "H5''" . A   A 1 2  ? 5.656   3.179   -11.323 1.00 0.00 ? 2  A   A "H5''" 1 
ATOM   57  H  "H4'"  . A   A 1 2  ? 3.761   3.976   -12.737 1.00 0.00 ? 2  A   A "H4'"  1 
ATOM   58  H  "H3'"  . A   A 1 2  ? 3.064   2.891   -9.952  1.00 0.00 ? 2  A   A "H3'"  1 
ATOM   59  H  "H2'"  . A   A 1 2  ? 0.780   3.600   -10.435 1.00 0.00 ? 2  A   A "H2'"  1 
ATOM   60  H  "HO2'" . A   A 1 2  ? 1.755   5.531   -11.653 1.00 0.00 ? 2  A   A "HO2'" 1 
ATOM   61  H  "H1'"  . A   A 1 2  ? 0.713   2.516   -12.961 1.00 0.00 ? 2  A   A "H1'"  1 
ATOM   62  H  H8     . A   A 1 2  ? 2.917   0.326   -10.764 1.00 0.00 ? 2  A   A H8     1 
ATOM   63  H  H61    . A   A 1 2  ? -2.308  -2.443  -8.937  1.00 0.00 ? 2  A   A H61    1 
ATOM   64  H  H62    . A   A 1 2  ? -0.561  -2.485  -8.875  1.00 0.00 ? 2  A   A H62    1 
ATOM   65  H  H2     . A   A 1 2  ? -3.430  1.166   -11.319 1.00 0.00 ? 2  A   A H2     1 
ATOM   66  P  P      . C   A 1 3  ? 3.289   5.457   -8.968  1.00 0.00 ? 3  C   A P      1 
ATOM   67  O  OP1    . C   A 1 3  ? 3.714   6.876   -8.972  1.00 0.00 ? 3  C   A OP1    1 
ATOM   68  O  OP2    . C   A 1 3  ? 3.978   4.482   -8.096  1.00 0.00 ? 3  C   A OP2    1 
ATOM   69  O  "O5'"  . C   A 1 3  ? 1.711   5.404   -8.631  1.00 0.00 ? 3  C   A "O5'"  1 
ATOM   70  C  "C5'"  . C   A 1 3  ? 0.804   6.342   -9.224  1.00 0.00 ? 3  C   A "C5'"  1 
ATOM   71  C  "C4'"  . C   A 1 3  ? -0.651  5.920   -9.045  1.00 0.00 ? 3  C   A "C4'"  1 
ATOM   72  O  "O4'"  . C   A 1 3  ? -0.846  4.605   -9.585  1.00 0.00 ? 3  C   A "O4'"  1 
ATOM   73  C  "C3'"  . C   A 1 3  ? -1.113  5.767   -7.609  1.00 0.00 ? 3  C   A "C3'"  1 
ATOM   74  O  "O3'"  . C   A 1 3  ? -1.527  7.057   -7.139  1.00 0.00 ? 3  C   A "O3'"  1 
ATOM   75  C  "C2'"  . C   A 1 3  ? -2.358  4.914   -7.788  1.00 0.00 ? 3  C   A "C2'"  1 
ATOM   76  O  "O2'"  . C   A 1 3  ? -3.441  5.697   -8.298  1.00 0.00 ? 3  C   A "O2'"  1 
ATOM   77  C  "C1'"  . C   A 1 3  ? -1.871  3.913   -8.841  1.00 0.00 ? 3  C   A "C1'"  1 
ATOM   78  N  N1     . C   A 1 3  ? -1.291  2.697   -8.230  1.00 0.00 ? 3  C   A N1     1 
ATOM   79  C  C2     . C   A 1 3  ? -2.158  1.660   -7.915  1.00 0.00 ? 3  C   A C2     1 
ATOM   80  O  O2     . C   A 1 3  ? -3.356  1.755   -8.167  1.00 0.00 ? 3  C   A O2     1 
ATOM   81  N  N3     . C   A 1 3  ? -1.656  0.539   -7.333  1.00 0.00 ? 3  C   A N3     1 
ATOM   82  C  C4     . C   A 1 3  ? -0.351  0.435   -7.069  1.00 0.00 ? 3  C   A C4     1 
ATOM   83  N  N4     . C   A 1 3  ? 0.075   -0.688  -6.499  1.00 0.00 ? 3  C   A N4     1 
ATOM   84  C  C5     . C   A 1 3  ? 0.554   1.496   -7.389  1.00 0.00 ? 3  C   A C5     1 
ATOM   85  C  C6     . C   A 1 3  ? 0.044   2.602   -7.965  1.00 0.00 ? 3  C   A C6     1 
ATOM   86  H  "H5'"  . C   A 1 3  ? 1.021   6.421   -10.290 1.00 0.00 ? 3  C   A "H5'"  1 
ATOM   87  H  "H5''" . C   A 1 3  ? 0.948   7.318   -8.760  1.00 0.00 ? 3  C   A "H5''" 1 
ATOM   88  H  "H4'"  . C   A 1 3  ? -1.293  6.621   -9.579  1.00 0.00 ? 3  C   A "H4'"  1 
ATOM   89  H  "H3'"  . C   A 1 3  ? -0.365  5.312   -6.958  1.00 0.00 ? 3  C   A "H3'"  1 
ATOM   90  H  "H2'"  . C   A 1 3  ? -2.633  4.411   -6.863  1.00 0.00 ? 3  C   A "H2'"  1 
ATOM   91  H  "HO2'" . C   A 1 3  ? -3.589  6.415   -7.677  1.00 0.00 ? 3  C   A "HO2'" 1 
ATOM   92  H  "H1'"  . C   A 1 3  ? -2.680  3.632   -9.515  1.00 0.00 ? 3  C   A "H1'"  1 
ATOM   93  H  H41    . C   A 1 3  ? -0.587  -1.417  -6.262  1.00 0.00 ? 3  C   A H41    1 
ATOM   94  H  H42    . C   A 1 3  ? 1.057   -0.816  -6.304  1.00 0.00 ? 3  C   A H42    1 
ATOM   95  H  H5     . C   A 1 3  ? 1.620   1.420   -7.179  1.00 0.00 ? 3  C   A H5     1 
ATOM   96  H  H6     . C   A 1 3  ? 0.706   3.430   -8.221  1.00 0.00 ? 3  C   A H6     1 
ATOM   97  P  P      . A   A 1 4  ? -1.468  7.414   -5.568  1.00 0.00 ? 4  A   A P      1 
ATOM   98  O  OP1    . A   A 1 4  ? -1.766  8.855   -5.408  1.00 0.00 ? 4  A   A OP1    1 
ATOM   99  O  OP2    . A   A 1 4  ? -0.215  6.854   -5.013  1.00 0.00 ? 4  A   A OP2    1 
ATOM   100 O  "O5'"  . A   A 1 4  ? -2.705  6.571   -4.967  1.00 0.00 ? 4  A   A "O5'"  1 
ATOM   101 C  "C5'"  . A   A 1 4  ? -4.053  7.024   -5.140  1.00 0.00 ? 4  A   A "C5'"  1 
ATOM   102 C  "C4'"  . A   A 1 4  ? -5.067  5.971   -4.702  1.00 0.00 ? 4  A   A "C4'"  1 
ATOM   103 O  "O4'"  . A   A 1 4  ? -4.829  4.751   -5.417  1.00 0.00 ? 4  A   A "O4'"  1 
ATOM   104 C  "C3'"  . A   A 1 4  ? -4.972  5.541   -3.250  1.00 0.00 ? 4  A   A "C3'"  1 
ATOM   105 O  "O3'"  . A   A 1 4  ? -5.757  6.452   -2.469  1.00 0.00 ? 4  A   A "O3'"  1 
ATOM   106 C  "C2'"  . A   A 1 4  ? -5.705  4.212   -3.283  1.00 0.00 ? 4  A   A "C2'"  1 
ATOM   107 O  "O2'"  . A   A 1 4  ? -7.121  4.412   -3.362  1.00 0.00 ? 4  A   A "O2'"  1 
ATOM   108 C  "C1'"  . A   A 1 4  ? -5.169  3.619   -4.589  1.00 0.00 ? 4  A   A "C1'"  1 
ATOM   109 N  N9     . A   A 1 4  ? -3.960  2.799   -4.373  1.00 0.00 ? 4  A   A N9     1 
ATOM   110 C  C8     . A   A 1 4  ? -2.644  3.137   -4.561  1.00 0.00 ? 4  A   A C8     1 
ATOM   111 N  N7     . A   A 1 4  ? -1.812  2.177   -4.267  1.00 0.00 ? 4  A   A N7     1 
ATOM   112 C  C5     . A   A 1 4  ? -2.637  1.136   -3.854  1.00 0.00 ? 4  A   A C5     1 
ATOM   113 C  C6     . A   A 1 4  ? -2.375  -0.170  -3.405  1.00 0.00 ? 4  A   A C6     1 
ATOM   114 N  N6     . A   A 1 4  ? -1.150  -0.678  -3.289  1.00 0.00 ? 4  A   A N6     1 
ATOM   115 N  N1     . A   A 1 4  ? -3.421  -0.941  -3.077  1.00 0.00 ? 4  A   A N1     1 
ATOM   116 C  C2     . A   A 1 4  ? -4.649  -0.443  -3.188  1.00 0.00 ? 4  A   A C2     1 
ATOM   117 N  N3     . A   A 1 4  ? -5.026  0.758   -3.595  1.00 0.00 ? 4  A   A N3     1 
ATOM   118 C  C4     . A   A 1 4  ? -3.949  1.505   -3.915  1.00 0.00 ? 4  A   A C4     1 
ATOM   119 H  "H5'"  . A   A 1 4  ? -4.218  7.259   -6.191  1.00 0.00 ? 4  A   A "H5'"  1 
ATOM   120 H  "H5''" . A   A 1 4  ? -4.204  7.927   -4.547  1.00 0.00 ? 4  A   A "H5''" 1 
ATOM   121 H  "H4'"  . A   A 1 4  ? -6.071  6.328   -4.931  1.00 0.00 ? 4  A   A "H4'"  1 
ATOM   122 H  "H3'"  . A   A 1 4  ? -3.947  5.461   -2.887  1.00 0.00 ? 4  A   A "H3'"  1 
ATOM   123 H  "H2'"  . A   A 1 4  ? -5.441  3.590   -2.431  1.00 0.00 ? 4  A   A "H2'"  1 
ATOM   124 H  "HO2'" . A   A 1 4  ? -7.375  4.942   -2.602  1.00 0.00 ? 4  A   A "HO2'" 1 
ATOM   125 H  "H1'"  . A   A 1 4  ? -5.931  3.020   -5.089  1.00 0.00 ? 4  A   A "H1'"  1 
ATOM   126 H  H8     . A   A 1 4  ? -2.325  4.117   -4.915  1.00 0.00 ? 4  A   A H8     1 
ATOM   127 H  H61    . A   A 1 4  ? -1.028  -1.644  -3.020  1.00 0.00 ? 4  A   A H61    1 
ATOM   128 H  H62    . A   A 1 4  ? -0.344  -0.097  -3.467  1.00 0.00 ? 4  A   A H62    1 
ATOM   129 H  H2     . A   A 1 4  ? -5.457  -1.118  -2.909  1.00 0.00 ? 4  A   A H2     1 
ATOM   130 P  P      . G   A 1 5  ? -5.536  6.565   -0.875  1.00 0.00 ? 5  G   A P      1 
ATOM   131 O  OP1    . G   A 1 5  ? -6.379  7.672   -0.370  1.00 0.00 ? 5  G   A OP1    1 
ATOM   132 O  OP2    . G   A 1 5  ? -4.081  6.569   -0.608  1.00 0.00 ? 5  G   A OP2    1 
ATOM   133 O  "O5'"  . G   A 1 5  ? -6.145  5.174   -0.333  1.00 0.00 ? 5  G   A "O5'"  1 
ATOM   134 C  "C5'"  . G   A 1 5  ? -7.520  5.078   0.065   1.00 0.00 ? 5  G   A "C5'"  1 
ATOM   135 C  "C4'"  . G   A 1 5  ? -7.778  3.845   0.927   1.00 0.00 ? 5  G   A "C4'"  1 
ATOM   136 O  "O4'"  . G   A 1 5  ? -7.493  2.659   0.177   1.00 0.00 ? 5  G   A "O4'"  1 
ATOM   137 C  "C3'"  . G   A 1 5  ? -6.878  3.705   2.139   1.00 0.00 ? 5  G   A "C3'"  1 
ATOM   138 O  "O3'"  . G   A 1 5  ? -7.468  4.452   3.214   1.00 0.00 ? 5  G   A "O3'"  1 
ATOM   139 C  "C2'"  . G   A 1 5  ? -7.032  2.229   2.461   1.00 0.00 ? 5  G   A "C2'"  1 
ATOM   140 O  "O2'"  . G   A 1 5  ? -8.283  1.970   3.111   1.00 0.00 ? 5  G   A "O2'"  1 
ATOM   141 C  "C1'"  . G   A 1 5  ? -7.017  1.619   1.059   1.00 0.00 ? 5  G   A "C1'"  1 
ATOM   142 N  N9     . G   A 1 5  ? -5.662  1.218   0.639   1.00 0.00 ? 5  G   A N9     1 
ATOM   143 C  C8     . G   A 1 5  ? -4.802  1.862   -0.209  1.00 0.00 ? 5  G   A C8     1 
ATOM   144 N  N7     . G   A 1 5  ? -3.669  1.239   -0.381  1.00 0.00 ? 5  G   A N7     1 
ATOM   145 C  C5     . G   A 1 5  ? -3.787  0.103   0.413   1.00 0.00 ? 5  G   A C5     1 
ATOM   146 C  C6     . G   A 1 5  ? -2.869  -0.959  0.633   1.00 0.00 ? 5  G   A C6     1 
ATOM   147 O  O6     . G   A 1 5  ? -1.750  -1.112  0.147   1.00 0.00 ? 5  G   A O6     1 
ATOM   148 N  N1     . G   A 1 5  ? -3.384  -1.903  1.507   1.00 0.00 ? 5  G   A N1     1 
ATOM   149 C  C2     . G   A 1 5  ? -4.622  -1.840  2.093   1.00 0.00 ? 5  G   A C2     1 
ATOM   150 N  N2     . G   A 1 5  ? -4.954  -2.834  2.904   1.00 0.00 ? 5  G   A N2     1 
ATOM   151 N  N3     . G   A 1 5  ? -5.493  -0.854  1.895   1.00 0.00 ? 5  G   A N3     1 
ATOM   152 C  C4     . G   A 1 5  ? -5.008  0.081   1.044   1.00 0.00 ? 5  G   A C4     1 
ATOM   153 H  "H5'"  . G   A 1 5  ? -8.146  5.025   -0.826  1.00 0.00 ? 5  G   A "H5'"  1 
ATOM   154 H  "H5''" . G   A 1 5  ? -7.787  5.969   0.634   1.00 0.00 ? 5  G   A "H5''" 1 
ATOM   155 H  "H4'"  . G   A 1 5  ? -8.827  3.834   1.225   1.00 0.00 ? 5  G   A "H4'"  1 
ATOM   156 H  "H3'"  . G   A 1 5  ? -5.846  4.002   1.951   1.00 0.00 ? 5  G   A "H3'"  1 
ATOM   157 H  "H2'"  . G   A 1 5  ? -6.196  1.864   3.055   1.00 0.00 ? 5  G   A "H2'"  1 
ATOM   158 H  "HO2'" . G   A 1 5  ? -8.144  1.223   3.698   1.00 0.00 ? 5  G   A "HO2'" 1 
ATOM   159 H  "H1'"  . G   A 1 5  ? -7.683  0.759   1.000   1.00 0.00 ? 5  G   A "H1'"  1 
ATOM   160 H  H8     . G   A 1 5  ? -5.039  2.812   -0.684  1.00 0.00 ? 5  G   A H8     1 
ATOM   161 H  H1     . G   A 1 5  ? -2.799  -2.694  1.728   1.00 0.00 ? 5  G   A H1     1 
ATOM   162 H  H21    . G   A 1 5  ? -4.317  -3.601  3.052   1.00 0.00 ? 5  G   A H21    1 
ATOM   163 H  H22    . G   A 1 5  ? -5.846  -2.819  3.376   1.00 0.00 ? 5  G   A H22    1 
ATOM   164 P  P      . G   A 1 6  ? -6.622  4.784   4.546   1.00 0.00 ? 6  G   A P      1 
ATOM   165 O  OP1    . G   A 1 6  ? -7.489  5.556   5.464   1.00 0.00 ? 6  G   A OP1    1 
ATOM   166 O  OP2    . G   A 1 6  ? -5.312  5.336   4.135   1.00 0.00 ? 6  G   A OP2    1 
ATOM   167 O  "O5'"  . G   A 1 6  ? -6.374  3.325   5.188   1.00 0.00 ? 6  G   A "O5'"  1 
ATOM   168 C  "C5'"  . G   A 1 6  ? -7.461  2.587   5.762   1.00 0.00 ? 6  G   A "C5'"  1 
ATOM   169 C  "C4'"  . G   A 1 6  ? -7.057  1.161   6.129   1.00 0.00 ? 6  G   A "C4'"  1 
ATOM   170 O  "O4'"  . G   A 1 6  ? -6.509  0.499   4.992   1.00 0.00 ? 6  G   A "O4'"  1 
ATOM   171 C  "C3'"  . G   A 1 6  ? -5.935  1.037   7.132   1.00 0.00 ? 6  G   A "C3'"  1 
ATOM   172 O  "O3'"  . G   A 1 6  ? -6.476  1.198   8.450   1.00 0.00 ? 6  G   A "O3'"  1 
ATOM   173 C  "C2'"  . G   A 1 6  ? -5.523  -0.393  6.953   1.00 0.00 ? 6  G   A "C2'"  1 
ATOM   174 O  "O2'"  . G   A 1 6  ? -6.500  -1.282  7.507   1.00 0.00 ? 6  G   A "O2'"  1 
ATOM   175 C  "C1'"  . G   A 1 6  ? -5.522  -0.459  5.433   1.00 0.00 ? 6  G   A "C1'"  1 
ATOM   176 N  N9     . G   A 1 6  ? -4.208  -0.123  4.849   1.00 0.00 ? 6  G   A N9     1 
ATOM   177 C  C8     . G   A 1 6  ? -3.830  1.004   4.165   1.00 0.00 ? 6  G   A C8     1 
ATOM   178 N  N7     . G   A 1 6  ? -2.586  0.986   3.771   1.00 0.00 ? 6  G   A N7     1 
ATOM   179 C  C5     . G   A 1 6  ? -2.107  -0.238  4.227   1.00 0.00 ? 6  G   A C5     1 
ATOM   180 C  C6     . G   A 1 6  ? -0.814  -0.822  4.098   1.00 0.00 ? 6  G   A C6     1 
ATOM   181 O  O6     . G   A 1 6  ? 0.177   -0.364  3.533   1.00 0.00 ? 6  G   A O6     1 
ATOM   182 N  N1     . G   A 1 6  ? -0.756  -2.068  4.704   1.00 0.00 ? 6  G   A N1     1 
ATOM   183 C  C2     . G   A 1 6  ? -1.802  -2.678  5.347   1.00 0.00 ? 6  G   A C2     1 
ATOM   184 N  N2     . G   A 1 6  ? -1.570  -3.873  5.871   1.00 0.00 ? 6  G   A N2     1 
ATOM   185 N  N3     . G   A 1 6  ? -3.015  -2.146  5.473   1.00 0.00 ? 6  G   A N3     1 
ATOM   186 C  C4     . G   A 1 6  ? -3.094  -0.925  4.889   1.00 0.00 ? 6  G   A C4     1 
ATOM   187 H  "H5'"  . G   A 1 6  ? -8.281  2.548   5.042   1.00 0.00 ? 6  G   A "H5'"  1 
ATOM   188 H  "H5''" . G   A 1 6  ? -7.805  3.100   6.661   1.00 0.00 ? 6  G   A "H5''" 1 
ATOM   189 H  "H4'"  . G   A 1 6  ? -7.939  0.617   6.470   1.00 0.00 ? 6  G   A "H4'"  1 
ATOM   190 H  "H3'"  . G   A 1 6  ? -5.120  1.700   6.918   1.00 0.00 ? 6  G   A "H3'"  1 
ATOM   191 H  "H2'"  . G   A 1 6  ? -4.530  -0.582  7.362   1.00 0.00 ? 6  G   A "H2'"  1 
ATOM   192 H  "HO2'" . G   A 1 6  ? -6.673  -0.989  8.405   1.00 0.00 ? 6  G   A "HO2'" 1 
ATOM   193 H  "H1'"  . G   A 1 6  ? -5.813  -1.424  5.112   1.00 0.00 ? 6  G   A "H1'"  1 
ATOM   194 H  H8     . G   A 1 6  ? -4.500  1.842   3.978   1.00 0.00 ? 6  G   A H8     1 
ATOM   195 H  H1     . G   A 1 6  ? 0.122   -2.559  4.672   1.00 0.00 ? 6  G   A H1     1 
ATOM   196 H  H21    . G   A 1 6  ? -0.669  -4.311  5.754   1.00 0.00 ? 6  G   A H21    1 
ATOM   197 H  H22    . G   A 1 6  ? -2.297  -4.343  6.390   1.00 0.00 ? 6  G   A H22    1 
ATOM   198 P  P      . G   A 1 7  ? -5.597  1.859   9.627   1.00 0.00 ? 7  G   A P      1 
ATOM   199 O  OP1    . G   A 1 7  ? -6.419  1.890   10.857  1.00 0.00 ? 7  G   A OP1    1 
ATOM   200 O  OP2    . G   A 1 7  ? -4.994  3.110   9.113   1.00 0.00 ? 7  G   A OP2    1 
ATOM   201 O  "O5'"  . G   A 1 7  ? -4.418  0.779   9.834   1.00 0.00 ? 7  G   A "O5'"  1 
ATOM   202 C  "C5'"  . G   A 1 7  ? -4.633  -0.402  10.616  1.00 0.00 ? 7  G   A "C5'"  1 
ATOM   203 C  "C4'"  . G   A 1 7  ? -3.341  -1.192  10.812  1.00 0.00 ? 7  G   A "C4'"  1 
ATOM   204 O  "O4'"  . G   A 1 7  ? -2.837  -1.609  9.541   1.00 0.00 ? 7  G   A "O4'"  1 
ATOM   205 C  "C3'"  . G   A 1 7  ? -2.191  -0.399  11.403  1.00 0.00 ? 7  G   A "C3'"  1 
ATOM   206 O  "O3'"  . G   A 1 7  ? -2.301  -0.495  12.832  1.00 0.00 ? 7  G   A "O3'"  1 
ATOM   207 C  "C2'"  . G   A 1 7  ? -0.983  -1.220  10.978  1.00 0.00 ? 7  G   A "C2'"  1 
ATOM   208 O  "O2'"  . G   A 1 7  ? -0.803  -2.344  11.848  1.00 0.00 ? 7  G   A "O2'"  1 
ATOM   209 C  "C1'"  . G   A 1 7  ? -1.400  -1.685  9.575   1.00 0.00 ? 7  G   A "C1'"  1 
ATOM   210 N  N9     . G   A 1 7  ? -0.856  -0.829  8.504   1.00 0.00 ? 7  G   A N9     1 
ATOM   211 C  C8     . G   A 1 7  ? -1.508  0.102   7.736   1.00 0.00 ? 7  G   A C8     1 
ATOM   212 N  N7     . G   A 1 7  ? -0.741  0.684   6.856   1.00 0.00 ? 7  G   A N7     1 
ATOM   213 C  C5     . G   A 1 7  ? 0.504   0.098   7.055   1.00 0.00 ? 7  G   A C5     1 
ATOM   214 C  C6     . G   A 1 7  ? 1.741   0.327   6.391   1.00 0.00 ? 7  G   A C6     1 
ATOM   215 O  O6     . G   A 1 7  ? 1.984   1.106   5.473   1.00 0.00 ? 7  G   A O6     1 
ATOM   216 N  N1     . G   A 1 7  ? 2.747   -0.471  6.900   1.00 0.00 ? 7  G   A N1     1 
ATOM   217 C  C2     . G   A 1 7  ? 2.593   -1.378  7.916   1.00 0.00 ? 7  G   A C2     1 
ATOM   218 N  N2     . G   A 1 7  ? 3.668   -2.060  8.278   1.00 0.00 ? 7  G   A N2     1 
ATOM   219 N  N3     . G   A 1 7  ? 1.446   -1.606  8.548   1.00 0.00 ? 7  G   A N3     1 
ATOM   220 C  C4     . G   A 1 7  ? 0.444   -0.831  8.065   1.00 0.00 ? 7  G   A C4     1 
ATOM   221 H  "H5'"  . G   A 1 7  ? -5.363  -1.036  10.112  1.00 0.00 ? 7  G   A "H5'"  1 
ATOM   222 H  "H5''" . G   A 1 7  ? -5.024  -0.117  11.592  1.00 0.00 ? 7  G   A "H5''" 1 
ATOM   223 H  "H4'"  . G   A 1 7  ? -3.551  -2.073  11.419  1.00 0.00 ? 7  G   A "H4'"  1 
ATOM   224 H  "H3'"  . G   A 1 7  ? -2.153  0.636   11.060  1.00 0.00 ? 7  G   A "H3'"  1 
ATOM   225 H  "H2'"  . G   A 1 7  ? -0.082  -0.607  10.936  1.00 0.00 ? 7  G   A "H2'"  1 
ATOM   226 H  "HO2'" . G   A 1 7  ? -0.776  -2.004  12.745  1.00 0.00 ? 7  G   A "HO2'" 1 
ATOM   227 H  "H1'"  . G   A 1 7  ? -1.091  -2.717  9.401   1.00 0.00 ? 7  G   A "H1'"  1 
ATOM   228 H  H8     . G   A 1 7  ? -2.567  0.336   7.852   1.00 0.00 ? 7  G   A H8     1 
ATOM   229 H  H1     . G   A 1 7  ? 3.662   -0.368  6.491   1.00 0.00 ? 7  G   A H1     1 
ATOM   230 H  H21    . G   A 1 7  ? 4.543   -1.918  7.797   1.00 0.00 ? 7  G   A H21    1 
ATOM   231 H  H22    . G   A 1 7  ? 3.611   -2.720  9.038   1.00 0.00 ? 7  G   A H22    1 
ATOM   232 P  P      . G   A 1 8  ? -1.841  0.720   13.784  1.00 0.00 ? 8  G   A P      1 
ATOM   233 O  OP1    . G   A 1 8  ? -2.327  0.443   15.154  1.00 0.00 ? 8  G   A OP1    1 
ATOM   234 O  OP2    . G   A 1 8  ? -2.201  1.994   13.120  1.00 0.00 ? 8  G   A OP2    1 
ATOM   235 O  "O5'"  . G   A 1 8  ? -0.234  0.582   13.784  1.00 0.00 ? 8  G   A "O5'"  1 
ATOM   236 C  "C5'"  . G   A 1 8  ? 0.604   1.723   13.555  1.00 0.00 ? 8  G   A "C5'"  1 
ATOM   237 C  "C4'"  . G   A 1 8  ? 1.874   1.343   12.799  1.00 0.00 ? 8  G   A "C4'"  1 
ATOM   238 O  "O4'"  . G   A 1 8  ? 1.513   0.776   11.534  1.00 0.00 ? 8  G   A "O4'"  1 
ATOM   239 C  "C3'"  . G   A 1 8  ? 2.773   2.513   12.431  1.00 0.00 ? 8  G   A "C3'"  1 
ATOM   240 O  "O3'"  . G   A 1 8  ? 3.715   2.687   13.501  1.00 0.00 ? 8  G   A "O3'"  1 
ATOM   241 C  "C2'"  . G   A 1 8  ? 3.534   1.969   11.235  1.00 0.00 ? 8  G   A "C2'"  1 
ATOM   242 O  "O2'"  . G   A 1 8  ? 4.579   1.085   11.659  1.00 0.00 ? 8  G   A "O2'"  1 
ATOM   243 C  "C1'"  . G   A 1 8  ? 2.433   1.195   10.510  1.00 0.00 ? 8  G   A "C1'"  1 
ATOM   244 N  N9     . G   A 1 8  ? 1.701   2.033   9.543   1.00 0.00 ? 8  G   A N9     1 
ATOM   245 C  C8     . G   A 1 8  ? 0.388   2.429   9.574   1.00 0.00 ? 8  G   A C8     1 
ATOM   246 N  N7     . G   A 1 8  ? 0.045   3.192   8.575   1.00 0.00 ? 8  G   A N7     1 
ATOM   247 C  C5     . G   A 1 8  ? 1.212   3.309   7.827   1.00 0.00 ? 8  G   A C5     1 
ATOM   248 C  C6     . G   A 1 8  ? 1.460   4.020   6.621   1.00 0.00 ? 8  G   A C6     1 
ATOM   249 O  O6     . G   A 1 8  ? 0.683   4.705   5.963   1.00 0.00 ? 8  G   A O6     1 
ATOM   250 N  N1     . G   A 1 8  ? 2.767   3.875   6.204   1.00 0.00 ? 8  G   A N1     1 
ATOM   251 C  C2     . G   A 1 8  ? 3.725   3.142   6.857   1.00 0.00 ? 8  G   A C2     1 
ATOM   252 N  N2     . G   A 1 8  ? 4.931   3.115   6.314   1.00 0.00 ? 8  G   A N2     1 
ATOM   253 N  N3     . G   A 1 8  ? 3.513   2.471   7.986   1.00 0.00 ? 8  G   A N3     1 
ATOM   254 C  C4     . G   A 1 8  ? 2.233   2.600   8.413   1.00 0.00 ? 8  G   A C4     1 
ATOM   255 H  "H5'"  . G   A 1 8  ? 0.878   2.164   14.514  1.00 0.00 ? 8  G   A "H5'"  1 
ATOM   256 H  "H5''" . G   A 1 8  ? 0.051   2.459   12.970  1.00 0.00 ? 8  G   A "H5''" 1 
ATOM   257 H  "H4'"  . G   A 1 8  ? 2.425   0.601   13.378  1.00 0.00 ? 8  G   A "H4'"  1 
ATOM   258 H  "H3'"  . G   A 1 8  ? 2.225   3.430   12.212  1.00 0.00 ? 8  G   A "H3'"  1 
ATOM   259 H  "H2'"  . G   A 1 8  ? 3.927   2.774   10.612  1.00 0.00 ? 8  G   A "H2'"  1 
ATOM   260 H  "HO2'" . G   A 1 8  ? 4.919   1.429   12.490  1.00 0.00 ? 8  G   A "HO2'" 1 
ATOM   261 H  "H1'"  . G   A 1 8  ? 2.835   0.319   10.003  1.00 0.00 ? 8  G   A "H1'"  1 
ATOM   262 H  H8     . G   A 1 8  ? -0.305  2.130   10.361  1.00 0.00 ? 8  G   A H8     1 
ATOM   263 H  H1     . G   A 1 8  ? 3.030   4.345   5.355   1.00 0.00 ? 8  G   A H1     1 
ATOM   264 H  H21    . G   A 1 8  ? 5.104   3.598   5.444   1.00 0.00 ? 8  G   A H21    1 
ATOM   265 H  H22    . G   A 1 8  ? 5.677   2.612   6.774   1.00 0.00 ? 8  G   A H22    1 
ATOM   266 P  P      . A   A 1 9  ? 3.571   3.911   14.542  1.00 0.00 ? 9  A   A P      1 
ATOM   267 O  OP1    . A   A 1 9  ? 4.554   3.709   15.629  1.00 0.00 ? 9  A   A OP1    1 
ATOM   268 O  OP2    . A   A 1 9  ? 2.137   4.078   14.868  1.00 0.00 ? 9  A   A OP2    1 
ATOM   269 O  "O5'"  . A   A 1 9  ? 4.045   5.178   13.664  1.00 0.00 ? 9  A   A "O5'"  1 
ATOM   270 C  "C5'"  . A   A 1 9  ? 3.284   6.395   13.644  1.00 0.00 ? 9  A   A "C5'"  1 
ATOM   271 C  "C4'"  . A   A 1 9  ? 3.941   7.450   12.757  1.00 0.00 ? 9  A   A "C4'"  1 
ATOM   272 O  "O4'"  . A   A 1 9  ? 5.249   7.740   13.266  1.00 0.00 ? 9  A   A "O4'"  1 
ATOM   273 C  "C3'"  . A   A 1 9  ? 4.179   7.003   11.322  1.00 0.00 ? 9  A   A "C3'"  1 
ATOM   274 O  "O3'"  . A   A 1 9  ? 3.055   7.452   10.551  1.00 0.00 ? 9  A   A "O3'"  1 
ATOM   275 C  "C2'"  . A   A 1 9  ? 5.381   7.834   10.903  1.00 0.00 ? 9  A   A "C2'"  1 
ATOM   276 O  "O2'"  . A   A 1 9  ? 4.978   9.156   10.526  1.00 0.00 ? 9  A   A "O2'"  1 
ATOM   277 C  "C1'"  . A   A 1 9  ? 6.197   7.870   12.196  1.00 0.00 ? 9  A   A "C1'"  1 
ATOM   278 N  N9     . A   A 1 9  ? 7.162   6.771   12.298  1.00 0.00 ? 9  A   A N9     1 
ATOM   279 C  C8     . A   A 1 9  ? 6.963   5.442   12.573  1.00 0.00 ? 9  A   A C8     1 
ATOM   280 N  N7     . A   A 1 9  ? 8.075   4.755   12.633  1.00 0.00 ? 9  A   A N7     1 
ATOM   281 C  C5     . A   A 1 9  ? 9.060   5.706   12.380  1.00 0.00 ? 9  A   A C5     1 
ATOM   282 C  C6     . A   A 1 9  ? 10.460  5.644   12.298  1.00 0.00 ? 9  A   A C6     1 
ATOM   283 N  N6     . A   A 1 9  ? 11.161  4.526   12.476  1.00 0.00 ? 9  A   A N6     1 
ATOM   284 N  N1     . A   A 1 9  ? 11.120  6.782   12.029  1.00 0.00 ? 9  A   A N1     1 
ATOM   285 C  C2     . A   A 1 9  ? 10.421  7.902   11.856  1.00 0.00 ? 9  A   A C2     1 
ATOM   286 N  N3     . A   A 1 9  ? 9.126   8.084   11.905  1.00 0.00 ? 9  A   A N3     1 
ATOM   287 C  C4     . A   A 1 9  ? 8.503   6.930   12.175  1.00 0.00 ? 9  A   A C4     1 
ATOM   288 H  "H5'"  . A   A 1 9  ? 3.206   6.784   14.660  1.00 0.00 ? 9  A   A "H5'"  1 
ATOM   289 H  "H5''" . A   A 1 9  ? 2.284   6.184   13.265  1.00 0.00 ? 9  A   A "H5''" 1 
ATOM   290 H  "H4'"  . A   A 1 9  ? 3.338   8.359   12.781  1.00 0.00 ? 9  A   A "H4'"  1 
ATOM   291 H  "H3'"  . A   A 1 9  ? 4.342   5.930   11.224  1.00 0.00 ? 9  A   A "H3'"  1 
ATOM   292 H  "H2'"  . A   A 1 9  ? 5.938   7.349   10.101  1.00 0.00 ? 9  A   A "H2'"  1 
ATOM   293 H  "HO2'" . A   A 1 9  ? 4.367   9.066   9.790   1.00 0.00 ? 9  A   A "HO2'" 1 
ATOM   294 H  "H1'"  . A   A 1 9  ? 6.742   8.816   12.289  1.00 0.00 ? 9  A   A "H1'"  1 
ATOM   295 H  H8     . A   A 1 9  ? 5.976   5.004   12.725  1.00 0.00 ? 9  A   A H8     1 
ATOM   296 H  H61    . A   A 1 9  ? 12.167  4.547   12.402  1.00 0.00 ? 9  A   A H61    1 
ATOM   297 H  H62    . A   A 1 9  ? 10.685  3.660   12.683  1.00 0.00 ? 9  A   A H62    1 
ATOM   298 H  H2     . A   A 1 9  ? 10.995  8.795   11.645  1.00 0.00 ? 9  A   A H2     1 
ATOM   299 P  P      . A   A 1 10 ? 2.684   6.759   9.143   1.00 0.00 ? 10 A   A P      1 
ATOM   300 O  OP1    . A   A 1 10 ? 1.356   7.255   8.720   1.00 0.00 ? 10 A   A OP1    1 
ATOM   301 O  OP2    . A   A 1 10 ? 2.924   5.304   9.268   1.00 0.00 ? 10 A   A OP2    1 
ATOM   302 O  "O5'"  . A   A 1 10 ? 3.792   7.369   8.141   1.00 0.00 ? 10 A   A "O5'"  1 
ATOM   303 C  "C5'"  . A   A 1 10 ? 4.526   6.512   7.256   1.00 0.00 ? 10 A   A "C5'"  1 
ATOM   304 C  "C4'"  . A   A 1 10 ? 6.003   6.888   7.198   1.00 0.00 ? 10 A   A "C4'"  1 
ATOM   305 O  "O4'"  . A   A 1 10 ? 6.557   6.832   8.519   1.00 0.00 ? 10 A   A "O4'"  1 
ATOM   306 C  "C3'"  . A   A 1 10 ? 6.870   5.923   6.409   1.00 0.00 ? 10 A   A "C3'"  1 
ATOM   307 O  "O3'"  . A   A 1 10 ? 6.887   6.362   5.044   1.00 0.00 ? 10 A   A "O3'"  1 
ATOM   308 C  "C2'"  . A   A 1 10 ? 8.247   6.183   6.995   1.00 0.00 ? 10 A   A "C2'"  1 
ATOM   309 O  "O2'"  . A   A 1 10 ? 8.795   7.402   6.485   1.00 0.00 ? 10 A   A "O2'"  1 
ATOM   310 C  "C1'"  . A   A 1 10 ? 7.903   6.322   8.479   1.00 0.00 ? 10 A   A "C1'"  1 
ATOM   311 N  N9     . A   A 1 10 ? 7.930   5.027   9.186   1.00 0.00 ? 10 A   A N9     1 
ATOM   312 C  C8     . A   A 1 10 ? 6.879   4.313   9.706   1.00 0.00 ? 10 A   A C8     1 
ATOM   313 N  N7     . A   A 1 10 ? 7.238   3.199   10.281  1.00 0.00 ? 10 A   A N7     1 
ATOM   314 C  C5     . A   A 1 10 ? 8.620   3.177   10.128  1.00 0.00 ? 10 A   A C5     1 
ATOM   315 C  C6     . A   A 1 10 ? 9.608   2.259   10.520  1.00 0.00 ? 10 A   A C6     1 
ATOM   316 N  N6     . A   A 1 10 ? 9.349   1.137   11.182  1.00 0.00 ? 10 A   A N6     1 
ATOM   317 N  N1     . A   A 1 10 ? 10.881  2.540   10.211  1.00 0.00 ? 10 A   A N1     1 
ATOM   318 C  C2     . A   A 1 10 ? 11.154  3.662   9.556   1.00 0.00 ? 10 A   A C2     1 
ATOM   319 N  N3     . A   A 1 10 ? 10.322  4.602   9.134   1.00 0.00 ? 10 A   A N3     1 
ATOM   320 C  C4     . A   A 1 10 ? 9.053   4.287   9.461   1.00 0.00 ? 10 A   A C4     1 
ATOM   321 H  "H5'"  . A   A 1 10 ? 4.101   6.584   6.255   1.00 0.00 ? 10 A   A "H5'"  1 
ATOM   322 H  "H5''" . A   A 1 10 ? 4.439   5.484   7.607   1.00 0.00 ? 10 A   A "H5''" 1 
ATOM   323 H  "H4'"  . A   A 1 10 ? 6.100   7.902   6.810   1.00 0.00 ? 10 A   A "H4'"  1 
ATOM   324 H  "H3'"  . A   A 1 10 ? 6.554   4.887   6.503   1.00 0.00 ? 10 A   A "H3'"  1 
ATOM   325 H  "H2'"  . A   A 1 10 ? 8.919   5.342   6.821   1.00 0.00 ? 10 A   A "H2'"  1 
ATOM   326 H  "HO2'" . A   A 1 10 ? 8.627   7.415   5.539   1.00 0.00 ? 10 A   A "HO2'" 1 
ATOM   327 H  "H1'"  . A   A 1 10 ? 8.575   7.024   8.976   1.00 0.00 ? 10 A   A "H1'"  1 
ATOM   328 H  H8     . A   A 1 10 ? 5.844   4.649   9.650   1.00 0.00 ? 10 A   A H8     1 
ATOM   329 H  H61    . A   A 1 10 ? 10.104  0.518   11.440  1.00 0.00 ? 10 A   A H61    1 
ATOM   330 H  H62    . A   A 1 10 ? 8.397   0.904   11.429  1.00 0.00 ? 10 A   A H62    1 
ATOM   331 H  H2     . A   A 1 10 ? 12.207  3.833   9.333   1.00 0.00 ? 10 A   A H2     1 
ATOM   332 P  P      . A   A 1 11 ? 6.682   5.304   3.846   1.00 0.00 ? 11 A   A P      1 
ATOM   333 O  OP1    . A   A 1 11 ? 6.828   6.022   2.560   1.00 0.00 ? 11 A   A OP1    1 
ATOM   334 O  OP2    . A   A 1 11 ? 5.450   4.527   4.124   1.00 0.00 ? 11 A   A OP2    1 
ATOM   335 O  "O5'"  . A   A 1 11 ? 7.944   4.317   4.025   1.00 0.00 ? 11 A   A "O5'"  1 
ATOM   336 C  "C5'"  . A   A 1 11 ? 9.270   4.735   3.664   1.00 0.00 ? 11 A   A "C5'"  1 
ATOM   337 C  "C4'"  . A   A 1 11 ? 10.328  3.793   4.236   1.00 0.00 ? 11 A   A "C4'"  1 
ATOM   338 O  "O4'"  . A   A 1 11 ? 10.226  3.786   5.666   1.00 0.00 ? 11 A   A "O4'"  1 
ATOM   339 C  "C3'"  . A   A 1 11 ? 10.152  2.334   3.851   1.00 0.00 ? 11 A   A "C3'"  1 
ATOM   340 O  "O3'"  . A   A 1 11 ? 10.910  2.106   2.654   1.00 0.00 ? 11 A   A "O3'"  1 
ATOM   341 C  "C2'"  . A   A 1 11 ? 10.863  1.612   4.984   1.00 0.00 ? 11 A   A "C2'"  1 
ATOM   342 O  "O2'"  . A   A 1 11 ? 12.282  1.659   4.802   1.00 0.00 ? 11 A   A "O2'"  1 
ATOM   343 C  "C1'"  . A   A 1 11 ? 10.445  2.461   6.184   1.00 0.00 ? 11 A   A "C1'"  1 
ATOM   344 N  N9     . A   A 1 11 ? 9.189   1.990   6.793   1.00 0.00 ? 11 A   A N9     1 
ATOM   345 C  C8     . A   A 1 11 ? 7.927   2.502   6.644   1.00 0.00 ? 11 A   A C8     1 
ATOM   346 N  N7     . A   A 1 11 ? 7.018   1.867   7.331   1.00 0.00 ? 11 A   A N7     1 
ATOM   347 C  C5     . A   A 1 11 ? 7.733   0.863   7.977   1.00 0.00 ? 11 A   A C5     1 
ATOM   348 C  C6     . A   A 1 11 ? 7.352   -0.159  8.861   1.00 0.00 ? 11 A   A C6     1 
ATOM   349 N  N6     . A   A 1 11 ? 6.103   -0.340  9.283   1.00 0.00 ? 11 A   A N6     1 
ATOM   350 N  N1     . A   A 1 11 ? 8.308   -0.982  9.313   1.00 0.00 ? 11 A   A N1     1 
ATOM   351 C  C2     . A   A 1 11 ? 9.561   -0.799  8.911   1.00 0.00 ? 11 A   A C2     1 
ATOM   352 N  N3     . A   A 1 11 ? 10.046  0.119   8.090   1.00 0.00 ? 11 A   A N3     1 
ATOM   353 C  C4     . A   A 1 11 ? 9.058   0.928   7.655   1.00 0.00 ? 11 A   A C4     1 
ATOM   354 H  "H5'"  . A   A 1 11 ? 9.445   5.740   4.048   1.00 0.00 ? 11 A   A "H5'"  1 
ATOM   355 H  "H5''" . A   A 1 11 ? 9.356   4.748   2.578   1.00 0.00 ? 11 A   A "H5''" 1 
ATOM   356 H  "H4'"  . A   A 1 11 ? 11.317  4.151   3.950   1.00 0.00 ? 11 A   A "H4'"  1 
ATOM   357 H  "H3'"  . A   A 1 11 ? 9.110   2.041   3.741   1.00 0.00 ? 11 A   A "H3'"  1 
ATOM   358 H  "H2'"  . A   A 1 11 ? 10.510  0.585   5.085   1.00 0.00 ? 11 A   A "H2'"  1 
ATOM   359 H  "HO2'" . A   A 1 11 ? 12.450  1.550   3.862   1.00 0.00 ? 11 A   A "HO2'" 1 
ATOM   360 H  "H1'"  . A   A 1 11 ? 11.231  2.487   6.939   1.00 0.00 ? 11 A   A "H1'"  1 
ATOM   361 H  H8     . A   A 1 11 ? 7.705   3.356   6.006   1.00 0.00 ? 11 A   A H8     1 
ATOM   362 H  H61    . A   A 1 11 ? 5.884   -1.118  9.886   1.00 0.00 ? 11 A   A H61    1 
ATOM   363 H  H62    . A   A 1 11 ? 5.378   0.304   9.004   1.00 0.00 ? 11 A   A H62    1 
ATOM   364 H  H2     . A   A 1 11 ? 10.290  -1.502  9.313   1.00 0.00 ? 11 A   A H2     1 
ATOM   365 P  P      . C   A 1 12 ? 10.330  1.167   1.479   1.00 0.00 ? 12 C   A P      1 
ATOM   366 O  OP1    . C   A 1 12 ? 11.451  0.796   0.584   1.00 0.00 ? 12 C   A OP1    1 
ATOM   367 O  OP2    . C   A 1 12 ? 9.124   1.817   0.920   1.00 0.00 ? 12 C   A OP2    1 
ATOM   368 O  "O5'"  . C   A 1 12 ? 9.860   -0.155  2.278   1.00 0.00 ? 12 C   A "O5'"  1 
ATOM   369 C  "C5'"  . C   A 1 12 ? 10.820  -1.047  2.862   1.00 0.00 ? 12 C   A "C5'"  1 
ATOM   370 C  "C4'"  . C   A 1 12 ? 10.190  -1.903  3.959   1.00 0.00 ? 12 C   A "C4'"  1 
ATOM   371 O  "O4'"  . C   A 1 12 ? 9.587   -1.040  4.934   1.00 0.00 ? 12 C   A "O4'"  1 
ATOM   372 C  "C3'"  . C   A 1 12 ? 9.043   -2.790  3.506   1.00 0.00 ? 12 C   A "C3'"  1 
ATOM   373 O  "O3'"  . C   A 1 12 ? 9.597   -4.057  3.123   1.00 0.00 ? 12 C   A "O3'"  1 
ATOM   374 C  "C2'"  . C   A 1 12 ? 8.274   -3.000  4.799   1.00 0.00 ? 12 C   A "C2'"  1 
ATOM   375 O  "O2'"  . C   A 1 12 ? 8.933   -3.961  5.631   1.00 0.00 ? 12 C   A "O2'"  1 
ATOM   376 C  "C1'"  . C   A 1 12 ? 8.354   -1.607  5.417   1.00 0.00 ? 12 C   A "C1'"  1 
ATOM   377 N  N1     . C   A 1 12 ? 7.235   -0.735  4.999   1.00 0.00 ? 12 C   A N1     1 
ATOM   378 C  C2     . C   A 1 12 ? 6.042   -0.836  5.695   1.00 0.00 ? 12 C   A C2     1 
ATOM   379 O  O2     . C   A 1 12 ? 5.928   -1.639  6.616   1.00 0.00 ? 12 C   A O2     1 
ATOM   380 N  N3     . C   A 1 12 ? 5.004   -0.036  5.334   1.00 0.00 ? 12 C   A N3     1 
ATOM   381 C  C4     . C   A 1 12 ? 5.133   0.833   4.324   1.00 0.00 ? 12 C   A C4     1 
ATOM   382 N  N4     . C   A 1 12 ? 4.081   1.584   4.016   1.00 0.00 ? 12 C   A N4     1 
ATOM   383 C  C5     . C   A 1 12 ? 6.359   0.943   3.600   1.00 0.00 ? 12 C   A C5     1 
ATOM   384 C  C6     . C   A 1 12 ? 7.377   0.146   3.965   1.00 0.00 ? 12 C   A C6     1 
ATOM   385 H  "H5'"  . C   A 1 12 ? 11.635  -0.466  3.290   1.00 0.00 ? 12 C   A "H5'"  1 
ATOM   386 H  "H5''" . C   A 1 12 ? 11.217  -1.701  2.085   1.00 0.00 ? 12 C   A "H5''" 1 
ATOM   387 H  "H4'"  . C   A 1 12 ? 10.968  -2.496  4.440   1.00 0.00 ? 12 C   A "H4'"  1 
ATOM   388 H  "H3'"  . C   A 1 12 ? 8.440   -2.347  2.712   1.00 0.00 ? 12 C   A "H3'"  1 
ATOM   389 H  "H2'"  . C   A 1 12 ? 7.242   -3.288  4.606   1.00 0.00 ? 12 C   A "H2'"  1 
ATOM   390 H  "HO2'" . C   A 1 12 ? 9.157   -4.712  5.077   1.00 0.00 ? 12 C   A "HO2'" 1 
ATOM   391 H  "H1'"  . C   A 1 12 ? 8.381   -1.663  6.504   1.00 0.00 ? 12 C   A "H1'"  1 
ATOM   392 H  H41    . C   A 1 12 ? 3.221   1.490   4.541   1.00 0.00 ? 12 C   A H41    1 
ATOM   393 H  H42    . C   A 1 12 ? 4.139   2.246   3.256   1.00 0.00 ? 12 C   A H42    1 
ATOM   394 H  H5     . C   A 1 12 ? 6.474   1.646   2.775   1.00 0.00 ? 12 C   A H5     1 
ATOM   395 H  H6     . C   A 1 12 ? 8.324   0.199   3.429   1.00 0.00 ? 12 C   A H6     1 
ATOM   396 P  P      . U   A 1 13 ? 8.794   -5.036  2.126   1.00 0.00 ? 13 U   A P      1 
ATOM   397 O  OP1    . U   A 1 13 ? 9.495   -6.340  2.093   1.00 0.00 ? 13 U   A OP1    1 
ATOM   398 O  OP2    . U   A 1 13 ? 8.537   -4.304  0.867   1.00 0.00 ? 13 U   A OP2    1 
ATOM   399 O  "O5'"  . U   A 1 13 ? 7.385   -5.233  2.887   1.00 0.00 ? 13 U   A "O5'"  1 
ATOM   400 C  "C5'"  . U   A 1 13 ? 7.191   -6.307  3.819   1.00 0.00 ? 13 U   A "C5'"  1 
ATOM   401 C  "C4'"  . U   A 1 13 ? 5.719   -6.472  4.185   1.00 0.00 ? 13 U   A "C4'"  1 
ATOM   402 O  "O4'"  . U   A 1 13 ? 5.254   -5.284  4.841   1.00 0.00 ? 13 U   A "O4'"  1 
ATOM   403 C  "C3'"  . U   A 1 13 ? 4.782   -6.620  2.999   1.00 0.00 ? 13 U   A "C3'"  1 
ATOM   404 O  "O3'"  . U   A 1 13 ? 4.682   -8.020  2.705   1.00 0.00 ? 13 U   A "O3'"  1 
ATOM   405 C  "C2'"  . U   A 1 13 ? 3.454   -6.167  3.583   1.00 0.00 ? 13 U   A "C2'"  1 
ATOM   406 O  "O2'"  . U   A 1 13 ? 2.870   -7.197  4.388   1.00 0.00 ? 13 U   A "O2'"  1 
ATOM   407 C  "C1'"  . U   A 1 13 ? 3.898   -4.991  4.453   1.00 0.00 ? 13 U   A "C1'"  1 
ATOM   408 N  N1     . U   A 1 13 ? 3.885   -3.705  3.724   1.00 0.00 ? 13 U   A N1     1 
ATOM   409 C  C2     . U   A 1 13 ? 2.688   -3.014  3.655   1.00 0.00 ? 13 U   A C2     1 
ATOM   410 O  O2     . U   A 1 13 ? 1.649   -3.442  4.156   1.00 0.00 ? 13 U   A O2     1 
ATOM   411 N  N3     . U   A 1 13 ? 2.725   -1.809  2.980   1.00 0.00 ? 13 U   A N3     1 
ATOM   412 C  C4     . U   A 1 13 ? 3.833   -1.248  2.381   1.00 0.00 ? 13 U   A C4     1 
ATOM   413 O  O4     . U   A 1 13 ? 3.736   -0.168  1.811   1.00 0.00 ? 13 U   A O4     1 
ATOM   414 C  C5     . U   A 1 13 ? 5.043   -2.028  2.495   1.00 0.00 ? 13 U   A C5     1 
ATOM   415 C  C6     . U   A 1 13 ? 5.027   -3.212  3.150   1.00 0.00 ? 13 U   A C6     1 
ATOM   416 H  "H5'"  . U   A 1 13 ? 7.763   -6.104  4.725   1.00 0.00 ? 13 U   A "H5'"  1 
ATOM   417 H  "H5''" . U   A 1 13 ? 7.551   -7.236  3.372   1.00 0.00 ? 13 U   A "H5''" 1 
ATOM   418 H  "H4'"  . U   A 1 13 ? 5.614   -7.319  4.865   1.00 0.00 ? 13 U   A "H4'"  1 
ATOM   419 H  "H3'"  . U   A 1 13 ? 5.091   -6.038  2.129   1.00 0.00 ? 13 U   A "H3'"  1 
ATOM   420 H  "H2'"  . U   A 1 13 ? 2.768   -5.842  2.802   1.00 0.00 ? 13 U   A "H2'"  1 
ATOM   421 H  "HO2'" . U   A 1 13 ? 2.027   -7.429  3.987   1.00 0.00 ? 13 U   A "HO2'" 1 
ATOM   422 H  "H1'"  . U   A 1 13 ? 3.277   -4.909  5.345   1.00 0.00 ? 13 U   A "H1'"  1 
ATOM   423 H  H3     . U   A 1 13 ? 1.864   -1.286  2.919   1.00 0.00 ? 13 U   A H3     1 
ATOM   424 H  H5     . U   A 1 13 ? 5.973   -1.658  2.063   1.00 0.00 ? 13 U   A H5     1 
ATOM   425 H  H6     . U   A 1 13 ? 5.947   -3.793  3.216   1.00 0.00 ? 13 U   A H6     1 
ATOM   426 P  P      . U   A 1 14 ? 4.090   -8.527  1.294   1.00 0.00 ? 14 U   A P      1 
ATOM   427 O  OP1    . U   A 1 14 ? 4.336   -9.982  1.182   1.00 0.00 ? 14 U   A OP1    1 
ATOM   428 O  OP2    . U   A 1 14 ? 4.574   -7.613  0.234   1.00 0.00 ? 14 U   A OP2    1 
ATOM   429 O  "O5'"  . U   A 1 14 ? 2.504   -8.292  1.468   1.00 0.00 ? 14 U   A "O5'"  1 
ATOM   430 C  "C5'"  . U   A 1 14 ? 1.742   -9.079  2.394   1.00 0.00 ? 14 U   A "C5'"  1 
ATOM   431 C  "C4'"  . U   A 1 14 ? 0.376   -8.457  2.667   1.00 0.00 ? 14 U   A "C4'"  1 
ATOM   432 O  "O4'"  . U   A 1 14 ? 0.557   -7.114  3.139   1.00 0.00 ? 14 U   A "O4'"  1 
ATOM   433 C  "C3'"  . U   A 1 14 ? -0.506  -8.291  1.441   1.00 0.00 ? 14 U   A "C3'"  1 
ATOM   434 O  "O3'"  . U   A 1 14 ? -1.286  -9.488  1.306   1.00 0.00 ? 14 U   A "O3'"  1 
ATOM   435 C  "C2'"  . U   A 1 14 ? -1.442  -7.174  1.873   1.00 0.00 ? 14 U   A "C2'"  1 
ATOM   436 O  "O2'"  . U   A 1 14 ? -2.454  -7.668  2.756   1.00 0.00 ? 14 U   A "O2'"  1 
ATOM   437 C  "C1'"  . U   A 1 14 ? -0.478  -6.256  2.624   1.00 0.00 ? 14 U   A "C1'"  1 
ATOM   438 N  N1     . U   A 1 14 ? 0.137   -5.244  1.739   1.00 0.00 ? 14 U   A N1     1 
ATOM   439 C  C2     . U   A 1 14 ? -0.394  -3.968  1.760   1.00 0.00 ? 14 U   A C2     1 
ATOM   440 O  O2     . U   A 1 14 ? -1.337  -3.658  2.485   1.00 0.00 ? 14 U   A O2     1 
ATOM   441 N  N3     . U   A 1 14 ? 0.199   -3.053  0.913   1.00 0.00 ? 14 U   A N3     1 
ATOM   442 C  C4     . U   A 1 14 ? 1.256   -3.300  0.064   1.00 0.00 ? 14 U   A C4     1 
ATOM   443 O  O4     . U   A 1 14 ? 1.696   -2.398  -0.637  1.00 0.00 ? 14 U   A O4     1 
ATOM   444 C  C5     . U   A 1 14 ? 1.755   -4.654  0.097   1.00 0.00 ? 14 U   A C5     1 
ATOM   445 C  C6     . U   A 1 14 ? 1.188   -5.568  0.921   1.00 0.00 ? 14 U   A C6     1 
ATOM   446 H  "H5'"  . U   A 1 14 ? 2.291   -9.157  3.333   1.00 0.00 ? 14 U   A "H5'"  1 
ATOM   447 H  "H5''" . U   A 1 14 ? 1.601   -10.078 1.980   1.00 0.00 ? 14 U   A "H5''" 1 
ATOM   448 H  "H4'"  . U   A 1 14 ? -0.134  -9.040  3.433   1.00 0.00 ? 14 U   A "H4'"  1 
ATOM   449 H  "H3'"  . U   A 1 14 ? 0.052   -8.060  0.535   1.00 0.00 ? 14 U   A "H3'"  1 
ATOM   450 H  "H2'"  . U   A 1 14 ? -1.878  -6.668  1.013   1.00 0.00 ? 14 U   A "H2'"  1 
ATOM   451 H  "HO2'" . U   A 1 14 ? -2.843  -8.441  2.338   1.00 0.00 ? 14 U   A "HO2'" 1 
ATOM   452 H  "H1'"  . U   A 1 14 ? -0.981  -5.756  3.453   1.00 0.00 ? 14 U   A "H1'"  1 
ATOM   453 H  H3     . U   A 1 14 ? -0.176  -2.116  0.909   1.00 0.00 ? 14 U   A H3     1 
ATOM   454 H  H5     . U   A 1 14 ? 2.585   -4.943  -0.544  1.00 0.00 ? 14 U   A H5     1 
ATOM   455 H  H6     . U   A 1 14 ? 1.582   -6.583  0.937   1.00 0.00 ? 14 U   A H6     1 
ATOM   456 P  P      . U   A 1 15 ? -1.878  -9.924  -0.129  1.00 0.00 ? 15 U   A P      1 
ATOM   457 O  OP1    . U   A 1 15 ? -2.360  -11.319 -0.027  1.00 0.00 ? 15 U   A OP1    1 
ATOM   458 O  OP2    . U   A 1 15 ? -0.892  -9.555  -1.169  1.00 0.00 ? 15 U   A OP2    1 
ATOM   459 O  "O5'"  . U   A 1 15 ? -3.157  -8.956  -0.288  1.00 0.00 ? 15 U   A "O5'"  1 
ATOM   460 C  "C5'"  . U   A 1 15 ? -4.365  -9.208  0.443   1.00 0.00 ? 15 U   A "C5'"  1 
ATOM   461 C  "C4'"  . U   A 1 15 ? -5.354  -8.053  0.318   1.00 0.00 ? 15 U   A "C4'"  1 
ATOM   462 O  "O4'"  . U   A 1 15 ? -4.734  -6.842  0.774   1.00 0.00 ? 15 U   A "O4'"  1 
ATOM   463 C  "C3'"  . U   A 1 15 ? -5.774  -7.716  -1.101  1.00 0.00 ? 15 U   A "C3'"  1 
ATOM   464 O  "O3'"  . U   A 1 15 ? -6.905  -8.537  -1.424  1.00 0.00 ? 15 U   A "O3'"  1 
ATOM   465 C  "C2'"  . U   A 1 15 ? -6.267  -6.288  -0.944  1.00 0.00 ? 15 U   A "C2'"  1 
ATOM   466 O  "O2'"  . U   A 1 15 ? -7.558  -6.261  -0.328  1.00 0.00 ? 15 U   A "O2'"  1 
ATOM   467 C  "C1'"  . U   A 1 15 ? -5.206  -5.720  0.003   1.00 0.00 ? 15 U   A "C1'"  1 
ATOM   468 N  N1     . U   A 1 15 ? -4.060  -5.125  -0.722  1.00 0.00 ? 15 U   A N1     1 
ATOM   469 C  C2     . U   A 1 15 ? -4.083  -3.761  -0.944  1.00 0.00 ? 15 U   A C2     1 
ATOM   470 O  O2     . U   A 1 15 ? -4.998  -3.044  -0.556  1.00 0.00 ? 15 U   A O2     1 
ATOM   471 N  N3     . U   A 1 15 ? -3.007  -3.241  -1.624  1.00 0.00 ? 15 U   A N3     1 
ATOM   472 C  C4     . U   A 1 15 ? -1.922  -3.948  -2.093  1.00 0.00 ? 15 U   A C4     1 
ATOM   473 O  O4     . U   A 1 15 ? -1.018  -3.360  -2.676  1.00 0.00 ? 15 U   A O4     1 
ATOM   474 C  C5     . U   A 1 15 ? -1.964  -5.365  -1.825  1.00 0.00 ? 15 U   A C5     1 
ATOM   475 C  C6     . U   A 1 15 ? -3.017  -5.900  -1.156  1.00 0.00 ? 15 U   A C6     1 
ATOM   476 H  "H5'"  . U   A 1 15 ? -4.122  -9.354  1.496   1.00 0.00 ? 15 U   A "H5'"  1 
ATOM   477 H  "H5''" . U   A 1 15 ? -4.830  -10.116 0.056   1.00 0.00 ? 15 U   A "H5''" 1 
ATOM   478 H  "H4'"  . U   A 1 15 ? -6.226  -8.263  0.938   1.00 0.00 ? 15 U   A "H4'"  1 
ATOM   479 H  "H3'"  . U   A 1 15 ? -4.968  -7.818  -1.829  1.00 0.00 ? 15 U   A "H3'"  1 
ATOM   480 H  "H2'"  . U   A 1 15 ? -6.270  -5.759  -1.898  1.00 0.00 ? 15 U   A "H2'"  1 
ATOM   481 H  "HO2'" . U   A 1 15 ? -8.128  -6.841  -0.839  1.00 0.00 ? 15 U   A "HO2'" 1 
ATOM   482 H  "H1'"  . U   A 1 15 ? -5.638  -4.976  0.672   1.00 0.00 ? 15 U   A "H1'"  1 
ATOM   483 H  H3     . U   A 1 15 ? -3.017  -2.248  -1.801  1.00 0.00 ? 15 U   A H3     1 
ATOM   484 H  H5     . U   A 1 15 ? -1.149  -6.008  -2.160  1.00 0.00 ? 15 U   A H5     1 
ATOM   485 H  H6     . U   A 1 15 ? -3.031  -6.972  -0.959  1.00 0.00 ? 15 U   A H6     1 
ATOM   486 P  P      . G   A 1 16 ? -7.149  -9.037  -2.938  1.00 0.00 ? 16 G   A P      1 
ATOM   487 O  OP1    . G   A 1 16 ? -8.314  -9.952  -2.941  1.00 0.00 ? 16 G   A OP1    1 
ATOM   488 O  OP2    . G   A 1 16 ? -5.853  -9.490  -3.491  1.00 0.00 ? 16 G   A OP2    1 
ATOM   489 O  "O5'"  . G   A 1 16 ? -7.572  -7.678  -3.694  1.00 0.00 ? 16 G   A "O5'"  1 
ATOM   490 C  "C5'"  . G   A 1 16 ? -8.866  -7.095  -3.486  1.00 0.00 ? 16 G   A "C5'"  1 
ATOM   491 C  "C4'"  . G   A 1 16 ? -8.977  -5.716  -4.131  1.00 0.00 ? 16 G   A "C4'"  1 
ATOM   492 O  "O4'"  . G   A 1 16 ? -7.970  -4.855  -3.593  1.00 0.00 ? 16 G   A "O4'"  1 
ATOM   493 C  "C3'"  . G   A 1 16 ? -8.704  -5.676  -5.621  1.00 0.00 ? 16 G   A "C3'"  1 
ATOM   494 O  "O3'"  . G   A 1 16 ? -9.945  -5.934  -6.297  1.00 0.00 ? 16 G   A "O3'"  1 
ATOM   495 C  "C2'"  . G   A 1 16 ? -8.358  -4.212  -5.847  1.00 0.00 ? 16 G   A "C2'"  1 
ATOM   496 O  "O2'"  . G   A 1 16 ? -9.543  -3.422  -5.992  1.00 0.00 ? 16 G   A "O2'"  1 
ATOM   497 C  "C1'"  . G   A 1 16 ? -7.622  -3.842  -4.557  1.00 0.00 ? 16 G   A "C1'"  1 
ATOM   498 N  N9     . G   A 1 16 ? -6.157  -3.811  -4.735  1.00 0.00 ? 16 G   A N9     1 
ATOM   499 C  C8     . G   A 1 16 ? -5.220  -4.737  -4.349  1.00 0.00 ? 16 G   A C8     1 
ATOM   500 N  N7     . G   A 1 16 ? -3.995  -4.398  -4.651  1.00 0.00 ? 16 G   A N7     1 
ATOM   501 C  C5     . G   A 1 16 ? -4.134  -3.163  -5.281  1.00 0.00 ? 16 G   A C5     1 
ATOM   502 C  C6     . G   A 1 16 ? -3.146  -2.298  -5.835  1.00 0.00 ? 16 G   A C6     1 
ATOM   503 O  O6     . G   A 1 16 ? -1.930  -2.453  -5.880  1.00 0.00 ? 16 G   A O6     1 
ATOM   504 N  N1     . G   A 1 16 ? -3.714  -1.156  -6.372  1.00 0.00 ? 16 G   A N1     1 
ATOM   505 C  C2     . G   A 1 16 ? -5.056  -0.874  -6.380  1.00 0.00 ? 16 G   A C2     1 
ATOM   506 N  N2     . G   A 1 16 ? -5.431  0.267   -6.938  1.00 0.00 ? 16 G   A N2     1 
ATOM   507 N  N3     . G   A 1 16 ? -5.989  -1.672  -5.868  1.00 0.00 ? 16 G   A N3     1 
ATOM   508 C  C4     . G   A 1 16 ? -5.456  -2.797  -5.336  1.00 0.00 ? 16 G   A C4     1 
ATOM   509 H  "H5'"  . G   A 1 16 ? -9.046  -7.001  -2.416  1.00 0.00 ? 16 G   A "H5'"  1 
ATOM   510 H  "H5''" . G   A 1 16 ? -9.624  -7.749  -3.919  1.00 0.00 ? 16 G   A "H5''" 1 
ATOM   511 H  "H4'"  . G   A 1 16 ? -9.959  -5.298  -3.909  1.00 0.00 ? 16 G   A "H4'"  1 
ATOM   512 H  "H3'"  . G   A 1 16 ? -7.914  -6.359  -5.935  1.00 0.00 ? 16 G   A "H3'"  1 
ATOM   513 H  "H2'"  . G   A 1 16 ? -7.705  -4.100  -6.705  1.00 0.00 ? 16 G   A "H2'"  1 
ATOM   514 H  "HO2'" . G   A 1 16 ? -9.866  -3.554  -6.887  1.00 0.00 ? 16 G   A "HO2'" 1 
ATOM   515 H  "H1'"  . G   A 1 16 ? -7.958  -2.872  -4.198  1.00 0.00 ? 16 G   A "H1'"  1 
ATOM   516 H  H8     . G   A 1 16 ? -5.474  -5.668  -3.842  1.00 0.00 ? 16 G   A H8     1 
ATOM   517 H  H1     . G   A 1 16 ? -3.087  -0.485  -6.787  1.00 0.00 ? 16 G   A H1     1 
ATOM   518 H  H21    . G   A 1 16 ? -4.739  0.905   -7.299  1.00 0.00 ? 16 G   A H21    1 
ATOM   519 H  H22    . G   A 1 16 ? -6.411  0.497   -7.001  1.00 0.00 ? 16 G   A H22    1 
ATOM   520 P  P      . U   A 1 17 ? -10.001 -6.072  -7.905  1.00 0.00 ? 17 U   A P      1 
ATOM   521 O  OP1    . U   A 1 17 ? -11.343 -6.572  -8.281  1.00 0.00 ? 17 U   A OP1    1 
ATOM   522 O  OP2    . U   A 1 17 ? -8.793  -6.801  -8.351  1.00 0.00 ? 17 U   A OP2    1 
ATOM   523 O  "O5'"  . U   A 1 17 ? -9.872  -4.540  -8.405  1.00 0.00 ? 17 U   A "O5'"  1 
ATOM   524 C  "C5'"  . U   A 1 17 ? -11.039 -3.747  -8.673  1.00 0.00 ? 17 U   A "C5'"  1 
ATOM   525 C  "C4'"  . U   A 1 17 ? -10.702 -2.492  -9.479  1.00 0.00 ? 17 U   A "C4'"  1 
ATOM   526 O  "O4'"  . U   A 1 17 ? -9.729  -1.712  -8.767  1.00 0.00 ? 17 U   A "O4'"  1 
ATOM   527 C  "C3'"  . U   A 1 17 ? -10.036 -2.751  -10.820 1.00 0.00 ? 17 U   A "C3'"  1 
ATOM   528 O  "O3'"  . U   A 1 17 ? -11.074 -2.894  -11.800 1.00 0.00 ? 17 U   A "O3'"  1 
ATOM   529 C  "C2'"  . U   A 1 17 ? -9.335  -1.429  -11.083 1.00 0.00 ? 17 U   A "C2'"  1 
ATOM   530 O  "O2'"  . U   A 1 17 ? -10.274 -0.434  -11.505 1.00 0.00 ? 17 U   A "O2'"  1 
ATOM   531 C  "C1'"  . U   A 1 17 ? -8.798  -1.103  -9.687  1.00 0.00 ? 17 U   A "C1'"  1 
ATOM   532 N  N1     . U   A 1 17 ? -7.459  -1.685  -9.449  1.00 0.00 ? 17 U   A N1     1 
ATOM   533 C  C2     . U   A 1 17 ? -6.365  -1.052  -10.011 1.00 0.00 ? 17 U   A C2     1 
ATOM   534 O  O2     . U   A 1 17 ? -6.459  -0.033  -10.686 1.00 0.00 ? 17 U   A O2     1 
ATOM   535 N  N3     . U   A 1 17 ? -5.142  -1.639  -9.774  1.00 0.00 ? 17 U   A N3     1 
ATOM   536 C  C4     . U   A 1 17 ? -4.918  -2.781  -9.038  1.00 0.00 ? 17 U   A C4     1 
ATOM   537 O  O4     . U   A 1 17 ? -3.778  -3.205  -8.900  1.00 0.00 ? 17 U   A O4     1 
ATOM   538 C  C5     . U   A 1 17 ? -6.104  -3.384  -8.483  1.00 0.00 ? 17 U   A C5     1 
ATOM   539 C  C6     . U   A 1 17 ? -7.317  -2.823  -8.702  1.00 0.00 ? 17 U   A C6     1 
ATOM   540 H  "H5'"  . U   A 1 17 ? -11.492 -3.449  -7.727  1.00 0.00 ? 17 U   A "H5'"  1 
ATOM   541 H  "H5''" . U   A 1 17 ? -11.754 -4.347  -9.236  1.00 0.00 ? 17 U   A "H5''" 1 
ATOM   542 H  "H4'"  . U   A 1 17 ? -11.607 -1.900  -9.609  1.00 0.00 ? 17 U   A "H4'"  1 
ATOM   543 H  "H3'"  . U   A 1 17 ? -9.357  -3.605  -10.810 1.00 0.00 ? 17 U   A "H3'"  1 
ATOM   544 H  "H2'"  . U   A 1 17 ? -8.525  -1.541  -11.802 1.00 0.00 ? 17 U   A "H2'"  1 
ATOM   545 H  "HO2'" . U   A 1 17 ? -10.949 -0.883  -12.022 1.00 0.00 ? 17 U   A "HO2'" 1 
ATOM   546 H  "H1'"  . U   A 1 17 ? -8.766  -0.027  -9.518  1.00 0.00 ? 17 U   A "H1'"  1 
ATOM   547 H  H3     . U   A 1 17 ? -4.335  -1.190  -10.175 1.00 0.00 ? 17 U   A H3     1 
ATOM   548 H  H5     . U   A 1 17 ? -6.024  -4.293  -7.887  1.00 0.00 ? 17 U   A H5     1 
ATOM   549 H  H6     . U   A 1 17 ? -8.203  -3.283  -8.264  1.00 0.00 ? 17 U   A H6     1 
ATOM   550 P  P      . C   A 1 18 ? -10.820 -3.737  -13.151 1.00 0.00 ? 18 C   A P      1 
ATOM   551 O  OP1    . C   A 1 18 ? -12.066 -3.719  -13.948 1.00 0.00 ? 18 C   A OP1    1 
ATOM   552 O  OP2    . C   A 1 18 ? -10.198 -5.027  -12.780 1.00 0.00 ? 18 C   A OP2    1 
ATOM   553 O  "O5'"  . C   A 1 18 ? -9.714  -2.850  -13.917 1.00 0.00 ? 18 C   A "O5'"  1 
ATOM   554 C  "C5'"  . C   A 1 18 ? -10.057 -1.586  -14.502 1.00 0.00 ? 18 C   A "C5'"  1 
ATOM   555 C  "C4'"  . C   A 1 18 ? -8.815  -0.780  -14.865 1.00 0.00 ? 18 C   A "C4'"  1 
ATOM   556 O  "O4'"  . C   A 1 18 ? -8.015  -0.579  -13.694 1.00 0.00 ? 18 C   A "O4'"  1 
ATOM   557 C  "C3'"  . C   A 1 18 ? -7.866  -1.466  -15.834 1.00 0.00 ? 18 C   A "C3'"  1 
ATOM   558 O  "O3'"  . C   A 1 18 ? -8.301  -1.301  -17.187 1.00 0.00 ? 18 C   A "O3'"  1 
ATOM   559 C  "C2'"  . C   A 1 18 ? -6.588  -0.681  -15.574 1.00 0.00 ? 18 C   A "C2'"  1 
ATOM   560 O  "O2'"  . C   A 1 18 ? -6.646  0.607   -16.198 1.00 0.00 ? 18 C   A "O2'"  1 
ATOM   561 C  "C1'"  . C   A 1 18 ? -6.623  -0.548  -14.051 1.00 0.00 ? 18 C   A "C1'"  1 
ATOM   562 N  N1     . C   A 1 18 ? -5.928  -1.664  -13.377 1.00 0.00 ? 18 C   A N1     1 
ATOM   563 C  C2     . C   A 1 18 ? -4.599  -1.479  -13.025 1.00 0.00 ? 18 C   A C2     1 
ATOM   564 O  O2     . C   A 1 18 ? -4.036  -0.413  -13.257 1.00 0.00 ? 18 C   A O2     1 
ATOM   565 N  N3     . C   A 1 18 ? -3.934  -2.502  -12.425 1.00 0.00 ? 18 C   A N3     1 
ATOM   566 C  C4     . C   A 1 18 ? -4.551  -3.664  -12.183 1.00 0.00 ? 18 C   A C4     1 
ATOM   567 N  N4     . C   A 1 18 ? -3.846  -4.627  -11.597 1.00 0.00 ? 18 C   A N4     1 
ATOM   568 C  C5     . C   A 1 18 ? -5.919  -3.861  -12.543 1.00 0.00 ? 18 C   A C5     1 
ATOM   569 C  C6     . C   A 1 18 ? -6.567  -2.844  -13.132 1.00 0.00 ? 18 C   A C6     1 
ATOM   570 H  "H5'"  . C   A 1 18 ? -10.657 -1.015  -13.793 1.00 0.00 ? 18 C   A "H5'"  1 
ATOM   571 H  "H5''" . C   A 1 18 ? -10.645 -1.761  -15.404 1.00 0.00 ? 18 C   A "H5''" 1 
ATOM   572 H  "H4'"  . C   A 1 18 ? -9.124  0.190   -15.256 1.00 0.00 ? 18 C   A "H4'"  1 
ATOM   573 H  "H3'"  . C   A 1 18 ? -7.738  -2.519  -15.582 1.00 0.00 ? 18 C   A "H3'"  1 
ATOM   574 H  "HO3'" . C   A 1 18 ? -8.182  -0.374  -17.413 1.00 0.00 ? 18 C   A "HO3'" 1 
ATOM   575 H  "H2'"  . C   A 1 18 ? -5.710  -1.242  -15.895 1.00 0.00 ? 18 C   A "H2'"  1 
ATOM   576 H  "HO2'" . C   A 1 18 ? -5.918  1.126   -15.850 1.00 0.00 ? 18 C   A "HO2'" 1 
ATOM   577 H  "H1'"  . C   A 1 18 ? -6.188  0.399   -13.729 1.00 0.00 ? 18 C   A "H1'"  1 
ATOM   578 H  H41    . C   A 1 18 ? -2.875  -4.467  -11.356 1.00 0.00 ? 18 C   A H41    1 
ATOM   579 H  H42    . C   A 1 18 ? -4.275  -5.518  -11.394 1.00 0.00 ? 18 C   A H42    1 
ATOM   580 H  H5     . C   A 1 18 ? -6.427  -4.805  -12.359 1.00 0.00 ? 18 C   A H5     1 
ATOM   581 H  H6     . C   A 1 18 ? -7.614  -2.959  -13.413 1.00 0.00 ? 18 C   A H6     1 
HETATM 582 CO CO     . NCO B 2 .  ? -0.628  2.454   1.848   1.00 0.00 ? 19 NCO A CO     1 
HETATM 583 N  N1     . NCO B 2 .  ? -0.784  4.382   2.252   1.00 0.00 ? 19 NCO A N1     1 
HETATM 584 N  N2     . NCO B 2 .  ? -0.442  0.578   1.376   1.00 0.00 ? 19 NCO A N2     1 
HETATM 585 N  N3     . NCO B 2 .  ? -0.697  2.762   -0.107  1.00 0.00 ? 19 NCO A N3     1 
HETATM 586 N  N4     . NCO B 2 .  ? -0.474  2.338   3.833   1.00 0.00 ? 19 NCO A N4     1 
HETATM 587 N  N5     . NCO B 2 .  ? 1.338   2.227   1.979   1.00 0.00 ? 19 NCO A N5     1 
HETATM 588 N  N6     . NCO B 2 .  ? -2.593  2.636   1.820   1.00 0.00 ? 19 NCO A N6     1 
HETATM 589 H  HN11   . NCO B 2 .  ? -1.498  4.807   1.672   1.00 0.00 ? 19 NCO A HN11   1 
HETATM 590 H  HN12   . NCO B 2 .  ? -1.075  4.527   3.210   1.00 0.00 ? 19 NCO A HN12   1 
HETATM 591 H  HN13   . NCO B 2 .  ? 0.077   4.879   2.097   1.00 0.00 ? 19 NCO A HN13   1 
HETATM 592 H  HN21   . NCO B 2 .  ? -0.577  0.395   0.391   1.00 0.00 ? 19 NCO A HN21   1 
HETATM 593 H  HN22   . NCO B 2 .  ? 0.429   0.212   1.716   1.00 0.00 ? 19 NCO A HN22   1 
HETATM 594 H  HN23   . NCO B 2 .  ? -1.171  0.099   1.875   1.00 0.00 ? 19 NCO A HN23   1 
HETATM 595 H  HN31   . NCO B 2 .  ? -1.441  2.211   -0.522  1.00 0.00 ? 19 NCO A HN31   1 
HETATM 596 H  HN32   . NCO B 2 .  ? -0.933  3.726   -0.304  1.00 0.00 ? 19 NCO A HN32   1 
HETATM 597 H  HN33   . NCO B 2 .  ? 0.167   2.547   -0.575  1.00 0.00 ? 19 NCO A HN33   1 
HETATM 598 H  HN41   . NCO B 2 .  ? -1.399  2.301   4.246   1.00 0.00 ? 19 NCO A HN41   1 
HETATM 599 H  HN42   . NCO B 2 .  ? -0.007  1.499   4.143   1.00 0.00 ? 19 NCO A HN42   1 
HETATM 600 H  HN43   . NCO B 2 .  ? -0.022  3.131   4.268   1.00 0.00 ? 19 NCO A HN43   1 
HETATM 601 H  HN51   . NCO B 2 .  ? 1.718   1.718   1.196   1.00 0.00 ? 19 NCO A HN51   1 
HETATM 602 H  HN52   . NCO B 2 .  ? 1.783   3.127   2.039   1.00 0.00 ? 19 NCO A HN52   1 
HETATM 603 H  HN53   . NCO B 2 .  ? 1.547   1.713   2.826   1.00 0.00 ? 19 NCO A HN53   1 
HETATM 604 H  HN61   . NCO B 2 .  ? -3.025  1.819   2.220   1.00 0.00 ? 19 NCO A HN61   1 
HETATM 605 H  HN62   . NCO B 2 .  ? -2.918  3.416   2.375   1.00 0.00 ? 19 NCO A HN62   1 
HETATM 606 H  HN63   . NCO B 2 .  ? -2.964  2.743   0.886   1.00 0.00 ? 19 NCO A HN63   1 
# 
